data_3N9I
#
_entry.id   3N9I
#
_cell.length_a   61.099
_cell.length_b   78.150
_cell.length_c   152.176
_cell.angle_alpha   90.00
_cell.angle_beta   90.00
_cell.angle_gamma   90.00
#
_symmetry.space_group_name_H-M   'P 21 21 21'
#
loop_
_entity.id
_entity.type
_entity.pdbx_description
1 polymer 'Tryptophanyl-tRNA synthetase'
2 non-polymer GLYCEROL
3 non-polymer 'CALCIUM ION'
4 water water
#
_entity_poly.entity_id   1
_entity_poly.type   'polypeptide(L)'
_entity_poly.pdbx_seq_one_letter_code
;MSEPMVLSKPTVSSKPIVFSGAQPSGELTIGNYMGALRQWVQMQDDYDCIYCIVDLHAITARQDPALLRKRTLDTLALYL
ACGIDPKKSTIFVQSHVPEHSQLSWALNCYTYFGELSRMTQFKDKSARYAENINAGLFDYPVLMAADILLYQTNQVPVGE
DQKQHLELSRDIASRFNNLYGDIFKIPEPFIPKAGARVMSLQDPTKKMSKSDDNRNNVIELLEDPKSVVKKIKRAMTDSD
EPALIRYDVEKKAGVSNLLDILSGVTGQSIPELEAQFTGQMYGHLKGAVADAVSGMLSELQERYRTYREDEALLQDVMRE
GAAKARARAQVTLAKVYEAIGFVAQP
;
_entity_poly.pdbx_strand_id   A,B
#
# COMPACT_ATOMS: atom_id res chain seq x y z
N LYS A 15 -17.29 15.02 19.49
CA LYS A 15 -17.92 13.67 19.64
C LYS A 15 -16.86 12.62 19.38
N PRO A 16 -16.95 11.46 20.05
CA PRO A 16 -15.94 10.43 19.78
C PRO A 16 -16.07 9.90 18.35
N ILE A 17 -14.93 9.61 17.74
CA ILE A 17 -14.89 9.16 16.35
C ILE A 17 -14.92 7.65 16.32
N VAL A 18 -15.91 7.12 15.59
CA VAL A 18 -16.11 5.68 15.51
C VAL A 18 -15.93 5.22 14.07
N PHE A 19 -15.07 4.23 13.88
CA PHE A 19 -14.75 3.76 12.53
C PHE A 19 -15.16 2.33 12.38
N SER A 20 -16.00 2.06 11.40
CA SER A 20 -16.44 0.70 11.18
C SER A 20 -16.20 0.33 9.72
N GLY A 21 -15.61 -0.82 9.48
CA GLY A 21 -15.35 -1.29 8.12
C GLY A 21 -16.35 -2.38 7.76
N ALA A 22 -17.00 -2.23 6.62
CA ALA A 22 -18.02 -3.21 6.18
C ALA A 22 -17.53 -3.94 4.92
N GLN A 23 -17.53 -5.28 4.95
CA GLN A 23 -17.10 -6.05 3.78
C GLN A 23 -18.17 -5.83 2.70
N PRO A 24 -17.77 -5.69 1.43
CA PRO A 24 -18.80 -5.57 0.39
C PRO A 24 -19.56 -6.88 0.18
N SER A 25 -20.70 -7.08 0.84
CA SER A 25 -21.45 -8.34 0.64
C SER A 25 -22.91 -8.20 0.32
N GLY A 26 -23.58 -7.19 0.87
CA GLY A 26 -25.05 -7.12 0.82
C GLY A 26 -25.75 -8.02 1.82
N GLU A 27 -24.99 -8.81 2.56
CA GLU A 27 -25.54 -9.87 3.39
C GLU A 27 -25.32 -9.41 4.82
N LEU A 28 -26.42 -9.29 5.55
CA LEU A 28 -26.40 -8.95 6.98
C LEU A 28 -27.49 -9.83 7.58
N THR A 29 -27.19 -10.53 8.66
CA THR A 29 -28.22 -11.31 9.34
C THR A 29 -29.04 -10.38 10.22
N ILE A 30 -30.23 -10.83 10.59
CA ILE A 30 -31.08 -10.07 11.45
C ILE A 30 -30.45 -9.92 12.85
N GLY A 31 -29.64 -10.90 13.22
CA GLY A 31 -28.95 -10.88 14.50
C GLY A 31 -27.95 -9.75 14.50
N ASN A 32 -27.27 -9.59 13.38
CA ASN A 32 -26.34 -8.47 13.23
C ASN A 32 -27.00 -7.10 13.28
N TYR A 33 -28.07 -6.97 12.52
CA TYR A 33 -28.84 -5.76 12.48
C TYR A 33 -29.42 -5.41 13.85
N MET A 34 -30.21 -6.30 14.43
CA MET A 34 -30.93 -5.95 15.66
C MET A 34 -29.95 -5.89 16.85
N GLY A 35 -28.83 -6.59 16.71
CA GLY A 35 -27.83 -6.70 17.77
C GLY A 35 -26.89 -5.51 17.82
N ALA A 36 -26.69 -4.87 16.68
CA ALA A 36 -25.62 -3.91 16.54
C ALA A 36 -26.00 -2.77 15.61
N LEU A 37 -25.99 -3.00 14.29
CA LEU A 37 -26.16 -1.91 13.35
C LEU A 37 -27.37 -1.05 13.68
N ARG A 38 -28.46 -1.68 14.07
CA ARG A 38 -29.68 -0.93 14.36
C ARG A 38 -29.47 0.04 15.53
N GLN A 39 -28.64 -0.35 16.50
CA GLN A 39 -28.31 0.53 17.63
C GLN A 39 -27.42 1.67 17.13
N TRP A 40 -26.41 1.34 16.31
CA TRP A 40 -25.47 2.34 15.78
C TRP A 40 -26.18 3.41 14.97
N VAL A 41 -27.16 2.99 14.17
CA VAL A 41 -27.98 3.94 13.43
C VAL A 41 -28.60 5.03 14.37
N GLN A 42 -28.96 4.66 15.60
CA GLN A 42 -29.53 5.64 16.56
C GLN A 42 -28.48 6.53 17.27
N MET A 43 -27.21 6.29 16.98
CA MET A 43 -26.12 6.97 17.66
C MET A 43 -25.37 7.99 16.81
N GLN A 44 -25.94 8.34 15.66
CA GLN A 44 -25.25 9.20 14.69
C GLN A 44 -25.17 10.67 15.11
N ASP A 45 -25.97 11.07 16.09
CA ASP A 45 -25.88 12.45 16.61
C ASP A 45 -24.88 12.55 17.75
N ASP A 46 -24.73 11.47 18.52
CA ASP A 46 -23.84 11.45 19.68
C ASP A 46 -22.39 11.03 19.38
N TYR A 47 -22.18 10.35 18.27
CA TYR A 47 -20.85 9.96 17.82
C TYR A 47 -20.61 10.42 16.38
N ASP A 48 -19.34 10.53 16.04
CA ASP A 48 -18.90 10.95 14.72
C ASP A 48 -18.55 9.64 14.00
N CYS A 49 -19.54 9.09 13.28
CA CYS A 49 -19.48 7.75 12.72
C CYS A 49 -19.00 7.71 11.25
N ILE A 50 -18.08 6.80 10.99
CA ILE A 50 -17.43 6.65 9.70
C ILE A 50 -17.62 5.18 9.32
N TYR A 51 -18.24 4.96 8.17
CA TYR A 51 -18.55 3.65 7.65
C TYR A 51 -17.81 3.47 6.34
N CYS A 52 -16.93 2.48 6.28
CA CYS A 52 -16.05 2.33 5.12
C CYS A 52 -16.34 0.97 4.53
N ILE A 53 -16.71 0.93 3.25
CA ILE A 53 -16.97 -0.34 2.54
C ILE A 53 -15.61 -0.81 2.01
N VAL A 54 -15.09 -1.86 2.64
CA VAL A 54 -13.69 -2.25 2.44
C VAL A 54 -13.39 -3.14 1.26
N ASP A 55 -13.56 -2.56 0.07
CA ASP A 55 -13.27 -3.27 -1.16
C ASP A 55 -11.80 -3.66 -1.34
N LEU A 56 -10.86 -2.87 -0.81
CA LEU A 56 -9.48 -3.19 -0.92
C LEU A 56 -9.17 -4.42 -0.12
N HIS A 57 -9.84 -4.61 1.01
CA HIS A 57 -9.64 -5.84 1.76
C HIS A 57 -10.23 -7.09 1.10
N ALA A 58 -11.36 -6.94 0.40
CA ALA A 58 -12.03 -8.09 -0.23
C ALA A 58 -11.12 -8.88 -1.17
N ILE A 59 -10.20 -8.19 -1.85
CA ILE A 59 -9.42 -8.76 -2.92
C ILE A 59 -8.21 -9.54 -2.41
N THR A 60 -8.06 -9.69 -1.10
CA THR A 60 -7.08 -10.63 -0.57
C THR A 60 -7.54 -12.08 -0.87
N ALA A 61 -8.80 -12.24 -1.27
CA ALA A 61 -9.25 -13.49 -1.91
C ALA A 61 -9.69 -13.14 -3.32
N ARG A 62 -9.60 -14.09 -4.24
CA ARG A 62 -10.00 -13.81 -5.63
C ARG A 62 -11.48 -13.59 -5.70
N GLN A 63 -11.87 -12.47 -6.33
CA GLN A 63 -13.27 -12.09 -6.45
C GLN A 63 -13.70 -12.13 -7.89
N ASP A 64 -14.98 -12.46 -8.11
CA ASP A 64 -15.55 -12.28 -9.42
C ASP A 64 -15.72 -10.78 -9.61
N PRO A 65 -15.19 -10.20 -10.72
CA PRO A 65 -15.22 -8.76 -10.83
C PRO A 65 -16.60 -8.12 -10.85
N ALA A 66 -17.56 -8.73 -11.53
CA ALA A 66 -18.95 -8.20 -11.55
C ALA A 66 -19.57 -8.29 -10.18
N LEU A 67 -19.36 -9.40 -9.48
CA LEU A 67 -19.95 -9.54 -8.13
C LEU A 67 -19.34 -8.51 -7.19
N LEU A 68 -18.04 -8.22 -7.35
CA LEU A 68 -17.40 -7.30 -6.39
C LEU A 68 -18.03 -5.91 -6.53
N ARG A 69 -18.20 -5.45 -7.77
CA ARG A 69 -18.84 -4.18 -8.03
C ARG A 69 -20.28 -4.12 -7.52
N LYS A 70 -21.04 -5.15 -7.86
CA LYS A 70 -22.43 -5.28 -7.47
C LYS A 70 -22.58 -5.26 -5.96
N ARG A 71 -21.78 -6.08 -5.29
CA ARG A 71 -21.89 -6.18 -3.86
C ARG A 71 -21.47 -4.91 -3.13
N THR A 72 -20.58 -4.12 -3.73
CA THR A 72 -20.20 -2.84 -3.16
C THR A 72 -21.44 -1.95 -3.11
N LEU A 73 -22.13 -1.87 -4.23
CA LEU A 73 -23.35 -1.08 -4.33
C LEU A 73 -24.48 -1.65 -3.45
N ASP A 74 -24.56 -2.99 -3.35
CA ASP A 74 -25.57 -3.63 -2.51
C ASP A 74 -25.36 -3.21 -1.04
N THR A 75 -24.10 -3.24 -0.60
CA THR A 75 -23.76 -2.88 0.78
C THR A 75 -24.12 -1.45 1.04
N LEU A 76 -23.78 -0.55 0.11
CA LEU A 76 -24.09 0.84 0.31
C LEU A 76 -25.61 1.08 0.44
N ALA A 77 -26.37 0.51 -0.51
CA ALA A 77 -27.84 0.65 -0.50
C ALA A 77 -28.46 0.05 0.79
N LEU A 78 -27.89 -1.04 1.27
CA LEU A 78 -28.37 -1.67 2.49
C LEU A 78 -28.11 -0.81 3.72
N TYR A 79 -26.91 -0.22 3.82
CA TYR A 79 -26.59 0.65 4.92
C TYR A 79 -27.51 1.89 4.91
N LEU A 80 -27.76 2.43 3.72
CA LEU A 80 -28.67 3.56 3.57
C LEU A 80 -30.10 3.13 3.99
N ALA A 81 -30.52 1.94 3.60
CA ALA A 81 -31.88 1.46 3.91
C ALA A 81 -32.04 1.26 5.40
N CYS A 82 -30.96 0.85 6.07
CA CYS A 82 -30.96 0.65 7.51
C CYS A 82 -31.01 1.96 8.33
N GLY A 83 -30.74 3.08 7.68
CA GLY A 83 -30.84 4.42 8.29
C GLY A 83 -29.52 5.17 8.47
N ILE A 84 -28.40 4.67 7.95
CA ILE A 84 -27.15 5.44 8.02
C ILE A 84 -27.34 6.66 7.14
N ASP A 85 -27.06 7.82 7.71
CA ASP A 85 -27.43 9.08 7.09
C ASP A 85 -26.15 9.74 6.62
N PRO A 86 -26.00 9.89 5.30
CA PRO A 86 -24.72 10.44 4.76
C PRO A 86 -24.43 11.92 5.05
N LYS A 87 -25.43 12.67 5.52
CA LYS A 87 -25.22 14.00 6.05
C LYS A 87 -24.74 13.99 7.51
N LYS A 88 -25.16 13.00 8.29
CA LYS A 88 -24.77 12.92 9.70
C LYS A 88 -23.49 12.11 9.87
N SER A 89 -23.31 11.05 9.09
CA SER A 89 -22.17 10.16 9.21
C SER A 89 -21.40 10.27 7.93
N THR A 90 -20.25 9.61 7.86
CA THR A 90 -19.42 9.58 6.64
C THR A 90 -19.46 8.15 6.13
N ILE A 91 -19.99 7.91 4.91
CA ILE A 91 -20.03 6.53 4.40
C ILE A 91 -19.37 6.59 3.03
N PHE A 92 -18.45 5.67 2.75
CA PHE A 92 -17.68 5.73 1.52
C PHE A 92 -17.08 4.38 1.18
N VAL A 93 -16.61 4.27 -0.07
CA VAL A 93 -15.90 3.10 -0.53
C VAL A 93 -14.41 3.32 -0.38
N GLN A 94 -13.78 2.33 0.23
CA GLN A 94 -12.35 2.40 0.58
C GLN A 94 -11.45 2.77 -0.57
N SER A 95 -11.63 2.12 -1.71
CA SER A 95 -10.75 2.35 -2.86
C SER A 95 -10.88 3.74 -3.43
N HIS A 96 -11.94 4.46 -3.07
CA HIS A 96 -12.12 5.86 -3.50
C HIS A 96 -11.31 6.89 -2.74
N VAL A 97 -10.56 6.45 -1.73
CA VAL A 97 -9.77 7.34 -0.89
C VAL A 97 -8.35 6.85 -0.90
N PRO A 98 -7.51 7.47 -1.77
CA PRO A 98 -6.13 6.99 -1.92
C PRO A 98 -5.34 6.91 -0.62
N GLU A 99 -5.70 7.74 0.36
CA GLU A 99 -4.91 7.89 1.61
C GLU A 99 -4.84 6.58 2.40
N HIS A 100 -5.86 5.71 2.25
CA HIS A 100 -5.77 4.39 2.85
C HIS A 100 -4.53 3.56 2.41
N SER A 101 -4.36 3.45 1.10
CA SER A 101 -3.24 2.71 0.51
C SER A 101 -1.92 3.42 0.76
N GLN A 102 -1.95 4.75 0.74
CA GLN A 102 -0.74 5.49 1.07
C GLN A 102 -0.29 5.26 2.53
N LEU A 103 -1.22 5.35 3.44
CA LEU A 103 -0.83 5.15 4.85
C LEU A 103 -0.45 3.72 5.12
N SER A 104 -1.12 2.77 4.47
CA SER A 104 -0.79 1.38 4.61
C SER A 104 0.68 1.07 4.27
N TRP A 105 1.19 1.60 3.14
CA TRP A 105 2.61 1.46 2.80
C TRP A 105 3.51 2.02 3.89
N ALA A 106 3.26 3.25 4.33
CA ALA A 106 4.10 3.86 5.37
C ALA A 106 4.13 3.04 6.64
N LEU A 107 2.96 2.61 7.10
CA LEU A 107 2.86 1.77 8.27
C LEU A 107 3.48 0.41 8.18
N ASN A 108 3.59 -0.14 6.97
CA ASN A 108 4.38 -1.35 6.74
C ASN A 108 5.79 -1.21 7.31
N CYS A 109 6.32 0.00 7.16
CA CYS A 109 7.67 0.27 7.57
C CYS A 109 7.85 0.43 9.08
N TYR A 110 6.74 0.46 9.84
CA TYR A 110 6.77 0.52 11.30
C TYR A 110 6.06 -0.68 11.91
N THR A 111 5.90 -1.75 11.11
CA THR A 111 5.24 -2.98 11.56
C THR A 111 6.26 -4.08 11.51
N TYR A 112 6.39 -4.89 12.54
CA TYR A 112 7.36 -6.00 12.49
C TYR A 112 6.78 -7.18 11.72
N PHE A 113 7.61 -7.78 10.87
CA PHE A 113 7.22 -8.98 10.12
C PHE A 113 6.64 -10.00 11.10
N GLY A 114 7.21 -10.07 12.30
CA GLY A 114 6.78 -11.09 13.29
C GLY A 114 5.38 -10.85 13.81
N GLU A 115 4.98 -9.61 13.83
CA GLU A 115 3.67 -9.24 14.30
C GLU A 115 2.65 -9.73 13.29
N LEU A 116 3.04 -9.76 12.02
CA LEU A 116 2.14 -10.26 10.96
C LEU A 116 2.17 -11.81 10.86
N SER A 117 3.34 -12.41 10.98
CA SER A 117 3.49 -13.87 10.85
C SER A 117 2.82 -14.65 12.01
N ARG A 118 2.69 -14.05 13.16
CA ARG A 118 2.06 -14.70 14.31
C ARG A 118 0.54 -14.53 14.32
N MET A 119 -0.05 -13.77 13.38
CA MET A 119 -1.49 -13.53 13.42
C MET A 119 -2.28 -14.84 13.25
N THR A 120 -3.18 -15.10 14.20
CA THR A 120 -4.10 -16.25 14.13
C THR A 120 -4.84 -16.29 12.80
N GLN A 121 -5.45 -15.18 12.43
CA GLN A 121 -6.20 -15.08 11.16
C GLN A 121 -5.32 -15.43 9.94
N PHE A 122 -4.06 -15.00 9.92
CA PHE A 122 -3.19 -15.32 8.80
C PHE A 122 -2.97 -16.83 8.73
N LYS A 123 -2.63 -17.42 9.87
CA LYS A 123 -2.42 -18.87 9.94
C LYS A 123 -3.70 -19.66 9.56
N ASP A 124 -4.86 -19.19 10.02
CA ASP A 124 -6.14 -19.88 9.74
C ASP A 124 -6.58 -19.76 8.28
N LYS A 125 -6.52 -18.54 7.75
CA LYS A 125 -6.82 -18.27 6.35
C LYS A 125 -5.78 -18.93 5.42
N SER A 126 -4.52 -19.01 5.86
CA SER A 126 -3.48 -19.74 5.13
C SER A 126 -3.83 -21.21 4.95
N ALA A 127 -4.45 -21.81 5.96
CA ALA A 127 -4.87 -23.21 5.92
C ALA A 127 -6.08 -23.47 4.99
N ARG A 128 -6.97 -22.47 4.90
CA ARG A 128 -8.23 -22.57 4.13
C ARG A 128 -8.11 -22.04 2.69
N TYR A 129 -7.24 -21.06 2.49
CA TYR A 129 -6.94 -20.51 1.16
C TYR A 129 -5.53 -20.96 0.73
N ALA A 130 -5.20 -22.24 0.92
CA ALA A 130 -3.82 -22.72 0.72
C ALA A 130 -3.36 -22.48 -0.72
N GLU A 131 -4.31 -22.49 -1.67
CA GLU A 131 -3.98 -22.22 -3.08
C GLU A 131 -3.78 -20.73 -3.41
N ASN A 132 -3.99 -19.83 -2.45
CA ASN A 132 -3.81 -18.40 -2.68
C ASN A 132 -3.31 -17.66 -1.44
N ILE A 133 -2.12 -18.05 -0.98
CA ILE A 133 -1.46 -17.39 0.12
C ILE A 133 -0.69 -16.22 -0.49
N ASN A 134 -1.39 -15.10 -0.66
CA ASN A 134 -0.78 -13.98 -1.30
C ASN A 134 -0.29 -12.97 -0.27
N ALA A 135 0.46 -11.96 -0.72
CA ALA A 135 1.06 -10.96 0.20
C ALA A 135 0.00 -10.07 0.85
N GLY A 136 -1.11 -9.88 0.14
CA GLY A 136 -2.25 -9.13 0.64
C GLY A 136 -2.85 -9.83 1.84
N LEU A 137 -2.96 -11.16 1.77
CA LEU A 137 -3.51 -11.92 2.89
C LEU A 137 -2.63 -11.74 4.14
N PHE A 138 -1.32 -11.66 3.93
CA PHE A 138 -0.34 -11.51 5.02
C PHE A 138 -0.35 -10.08 5.55
N ASP A 139 -0.46 -9.13 4.65
CA ASP A 139 -0.21 -7.72 4.98
C ASP A 139 -1.50 -6.98 5.33
N TYR A 140 -2.67 -7.60 5.19
CA TYR A 140 -3.89 -6.81 5.41
C TYR A 140 -4.16 -6.23 6.81
N PRO A 141 -3.60 -6.80 7.90
CA PRO A 141 -3.68 -6.09 9.17
C PRO A 141 -3.07 -4.68 9.20
N VAL A 142 -2.09 -4.43 8.32
CA VAL A 142 -1.47 -3.13 8.22
C VAL A 142 -2.48 -2.20 7.55
N LEU A 143 -3.14 -2.67 6.49
CA LEU A 143 -4.17 -1.83 5.84
C LEU A 143 -5.32 -1.53 6.83
N MET A 144 -5.72 -2.52 7.62
CA MET A 144 -6.75 -2.32 8.65
C MET A 144 -6.35 -1.26 9.66
N ALA A 145 -5.08 -1.32 10.07
CA ALA A 145 -4.53 -0.30 10.96
C ALA A 145 -4.57 1.05 10.28
N ALA A 146 -4.20 1.11 9.01
CA ALA A 146 -4.26 2.40 8.29
C ALA A 146 -5.67 2.94 8.24
N ASP A 147 -6.62 2.06 7.96
CA ASP A 147 -8.03 2.44 7.84
C ASP A 147 -8.46 3.20 9.09
N ILE A 148 -8.16 2.65 10.24
CA ILE A 148 -8.56 3.17 11.55
C ILE A 148 -7.79 4.44 11.93
N LEU A 149 -6.48 4.37 11.81
CA LEU A 149 -5.63 5.47 12.27
C LEU A 149 -5.74 6.72 11.43
N LEU A 150 -6.12 6.58 10.16
CA LEU A 150 -6.29 7.73 9.30
C LEU A 150 -7.24 8.76 9.81
N TYR A 151 -8.29 8.35 10.55
CA TYR A 151 -9.38 9.25 10.92
C TYR A 151 -9.32 9.77 12.37
N GLN A 152 -8.21 9.56 13.04
CA GLN A 152 -8.09 9.93 14.45
C GLN A 152 -9.19 9.22 15.24
N THR A 153 -9.39 7.96 14.92
CA THR A 153 -10.47 7.16 15.48
C THR A 153 -10.30 6.91 16.99
N ASN A 154 -11.38 7.05 17.75
CA ASN A 154 -11.36 6.79 19.20
C ASN A 154 -11.85 5.38 19.50
N GLN A 155 -12.82 4.92 18.74
CA GLN A 155 -13.45 3.64 19.01
C GLN A 155 -13.75 2.86 17.74
N VAL A 156 -13.56 1.54 17.83
CA VAL A 156 -13.80 0.65 16.70
C VAL A 156 -14.63 -0.56 17.18
N PRO A 157 -15.75 -0.85 16.50
CA PRO A 157 -16.51 -2.07 16.85
C PRO A 157 -15.73 -3.28 16.36
N VAL A 158 -15.36 -4.15 17.26
CA VAL A 158 -14.49 -5.28 16.90
C VAL A 158 -15.20 -6.62 17.06
N GLY A 159 -15.18 -7.43 16.00
CA GLY A 159 -15.56 -8.85 16.10
C GLY A 159 -14.51 -9.65 16.87
N GLU A 160 -14.92 -10.75 17.51
CA GLU A 160 -14.00 -11.63 18.27
C GLU A 160 -12.74 -11.99 17.48
N ASP A 161 -12.94 -12.26 16.19
CA ASP A 161 -11.86 -12.60 15.28
C ASP A 161 -10.96 -11.42 14.89
N GLN A 162 -11.37 -10.19 15.23
CA GLN A 162 -10.62 -8.97 14.88
C GLN A 162 -9.87 -8.34 16.06
N LYS A 163 -9.94 -8.94 17.24
CA LYS A 163 -9.30 -8.38 18.46
C LYS A 163 -7.80 -8.23 18.28
N GLN A 164 -7.16 -9.25 17.73
CA GLN A 164 -5.71 -9.21 17.52
C GLN A 164 -5.32 -8.11 16.49
N HIS A 165 -6.18 -7.89 15.51
CA HIS A 165 -5.96 -6.86 14.51
C HIS A 165 -6.08 -5.47 15.17
N LEU A 166 -7.11 -5.27 16.01
CA LEU A 166 -7.18 -4.04 16.79
C LEU A 166 -5.95 -3.84 17.68
N GLU A 167 -5.45 -4.91 18.30
CA GLU A 167 -4.27 -4.73 19.14
C GLU A 167 -3.03 -4.30 18.33
N LEU A 168 -2.87 -4.83 17.11
CA LEU A 168 -1.79 -4.39 16.24
C LEU A 168 -1.91 -2.90 15.94
N SER A 169 -3.14 -2.43 15.62
CA SER A 169 -3.39 -1.00 15.36
C SER A 169 -2.88 -0.12 16.49
N ARG A 170 -3.25 -0.48 17.70
CA ARG A 170 -2.81 0.23 18.89
C ARG A 170 -1.31 0.18 19.07
N ASP A 171 -0.69 -0.97 18.83
CA ASP A 171 0.76 -1.06 18.99
C ASP A 171 1.53 -0.21 17.96
N ILE A 172 1.07 -0.20 16.71
CA ILE A 172 1.69 0.56 15.66
C ILE A 172 1.54 2.03 16.00
N ALA A 173 0.34 2.44 16.39
CA ALA A 173 0.08 3.84 16.71
C ALA A 173 0.97 4.29 17.87
N SER A 174 1.06 3.44 18.90
CA SER A 174 1.89 3.77 20.06
C SER A 174 3.38 3.93 19.67
N ARG A 175 3.90 2.97 18.91
CA ARG A 175 5.28 2.98 18.41
C ARG A 175 5.57 4.21 17.56
N PHE A 176 4.69 4.50 16.61
CA PHE A 176 4.84 5.68 15.80
C PHE A 176 4.81 6.95 16.67
N ASN A 177 3.84 7.07 17.58
CA ASN A 177 3.79 8.27 18.42
C ASN A 177 5.01 8.45 19.30
N ASN A 178 5.54 7.34 19.84
N ASN A 178 5.55 7.35 19.84
CA ASN A 178 6.74 7.36 20.67
CA ASN A 178 6.73 7.42 20.69
C ASN A 178 7.93 7.89 19.87
C ASN A 178 7.94 7.89 19.88
N LEU A 179 8.01 7.52 18.59
CA LEU A 179 9.09 8.00 17.72
C LEU A 179 8.93 9.45 17.31
N TYR A 180 7.72 9.86 16.94
CA TYR A 180 7.52 11.12 16.22
C TYR A 180 6.63 12.14 16.89
N GLY A 181 6.00 11.78 18.01
CA GLY A 181 5.09 12.69 18.73
C GLY A 181 3.67 12.17 18.55
N ASP A 182 2.72 12.84 19.14
CA ASP A 182 1.35 12.38 19.12
C ASP A 182 0.75 12.74 17.75
N ILE A 183 0.74 11.75 16.88
CA ILE A 183 0.29 11.87 15.52
C ILE A 183 -1.07 11.14 15.45
N PHE A 184 -1.12 9.95 16.05
CA PHE A 184 -2.34 9.12 16.03
C PHE A 184 -3.06 9.11 17.36
N LYS A 185 -4.37 8.87 17.32
CA LYS A 185 -5.08 8.46 18.52
C LYS A 185 -4.94 6.96 18.75
N ILE A 186 -4.90 6.56 20.02
CA ILE A 186 -4.90 5.13 20.32
C ILE A 186 -6.37 4.67 20.37
N PRO A 187 -6.76 3.81 19.42
CA PRO A 187 -8.17 3.45 19.35
C PRO A 187 -8.54 2.42 20.42
N GLU A 188 -9.79 2.45 20.85
CA GLU A 188 -10.35 1.49 21.81
C GLU A 188 -11.50 0.73 21.20
N PRO A 189 -11.81 -0.44 21.78
CA PRO A 189 -13.03 -1.19 21.40
C PRO A 189 -14.31 -0.39 21.62
N PHE A 190 -15.22 -0.47 20.65
CA PHE A 190 -16.52 0.20 20.69
C PHE A 190 -17.48 -0.82 21.26
N ILE A 191 -17.90 -0.62 22.51
CA ILE A 191 -18.84 -1.50 23.16
C ILE A 191 -20.05 -0.68 23.61
N PRO A 192 -21.05 -0.57 22.72
CA PRO A 192 -22.31 0.07 23.05
C PRO A 192 -23.25 -0.91 23.75
N LYS A 193 -24.36 -0.39 24.26
CA LYS A 193 -25.23 -1.18 25.11
C LYS A 193 -25.91 -2.28 24.27
N ALA A 194 -26.14 -3.43 24.89
CA ALA A 194 -26.66 -4.62 24.23
C ALA A 194 -27.88 -4.32 23.34
N GLY A 195 -27.86 -4.81 22.11
CA GLY A 195 -29.05 -4.80 21.27
C GLY A 195 -29.94 -5.98 21.61
N ALA A 196 -30.81 -6.32 20.68
CA ALA A 196 -31.57 -7.57 20.77
C ALA A 196 -30.64 -8.80 20.78
N ARG A 197 -31.04 -9.80 21.55
CA ARG A 197 -30.43 -11.12 21.54
C ARG A 197 -31.15 -11.96 20.46
N VAL A 198 -30.38 -12.47 19.50
CA VAL A 198 -30.90 -13.30 18.40
C VAL A 198 -29.97 -14.52 18.20
N MET A 199 -30.52 -15.73 18.27
CA MET A 199 -29.73 -16.95 18.03
C MET A 199 -30.22 -17.71 16.81
N SER A 200 -29.49 -18.75 16.43
CA SER A 200 -29.87 -19.57 15.29
C SER A 200 -31.16 -20.35 15.53
N LEU A 201 -31.96 -20.44 14.49
CA LEU A 201 -33.32 -20.96 14.58
C LEU A 201 -33.40 -22.49 14.79
N GLN A 202 -32.40 -23.24 14.35
CA GLN A 202 -32.35 -24.71 14.55
C GLN A 202 -31.33 -25.11 15.63
N ASP A 203 -30.50 -24.19 16.07
CA ASP A 203 -29.55 -24.45 17.14
C ASP A 203 -29.44 -23.16 17.96
N PRO A 204 -30.44 -22.92 18.82
CA PRO A 204 -30.52 -21.65 19.52
C PRO A 204 -29.46 -21.39 20.60
N THR A 205 -28.52 -22.32 20.77
CA THR A 205 -27.36 -22.06 21.65
C THR A 205 -26.24 -21.35 20.92
N LYS A 206 -26.36 -21.20 19.60
CA LYS A 206 -25.33 -20.49 18.84
CA LYS A 206 -25.35 -20.55 18.76
C LYS A 206 -25.92 -19.28 18.15
N LYS A 207 -25.09 -18.24 18.03
CA LYS A 207 -25.48 -17.02 17.33
C LYS A 207 -25.70 -17.30 15.84
N MET A 208 -26.43 -16.43 15.14
CA MET A 208 -26.54 -16.55 13.68
C MET A 208 -25.22 -16.25 13.02
N SER A 209 -24.91 -17.03 11.99
CA SER A 209 -23.76 -16.78 11.14
C SER A 209 -24.18 -16.81 9.66
N LYS A 210 -23.74 -15.80 8.91
CA LYS A 210 -24.14 -15.66 7.49
C LYS A 210 -23.60 -16.80 6.59
N SER A 211 -22.51 -17.44 7.01
CA SER A 211 -21.92 -18.51 6.23
C SER A 211 -22.24 -19.93 6.76
N ASP A 212 -23.35 -20.06 7.49
CA ASP A 212 -23.76 -21.35 8.05
C ASP A 212 -24.16 -22.27 6.91
N ASP A 213 -23.75 -23.53 6.95
CA ASP A 213 -24.22 -24.50 5.97
C ASP A 213 -25.70 -24.78 6.16
N ASN A 214 -26.23 -24.58 7.37
CA ASN A 214 -27.65 -24.79 7.62
C ASN A 214 -28.40 -23.49 7.42
N ARG A 215 -28.97 -23.32 6.25
CA ARG A 215 -29.64 -22.05 5.93
C ARG A 215 -30.87 -21.79 6.76
N ASN A 216 -31.46 -22.85 7.32
CA ASN A 216 -32.59 -22.68 8.26
C ASN A 216 -32.22 -22.07 9.62
N ASN A 217 -30.93 -21.94 9.88
CA ASN A 217 -30.49 -21.25 11.09
C ASN A 217 -30.60 -19.72 10.97
N VAL A 218 -30.52 -19.20 9.76
CA VAL A 218 -30.12 -17.82 9.54
C VAL A 218 -31.20 -17.08 8.78
N ILE A 219 -31.43 -15.84 9.19
CA ILE A 219 -32.33 -14.93 8.45
C ILE A 219 -31.48 -13.75 8.04
N GLU A 220 -31.48 -13.40 6.76
CA GLU A 220 -30.72 -12.24 6.33
C GLU A 220 -31.68 -11.11 5.98
N LEU A 221 -31.17 -9.88 6.02
CA LEU A 221 -32.03 -8.70 5.81
C LEU A 221 -32.68 -8.62 4.44
N LEU A 222 -31.99 -9.07 3.40
CA LEU A 222 -32.55 -9.02 2.04
C LEU A 222 -33.20 -10.34 1.58
N GLU A 223 -33.36 -11.27 2.50
CA GLU A 223 -33.99 -12.54 2.22
C GLU A 223 -35.46 -12.42 1.87
N ASP A 224 -35.88 -13.17 0.86
CA ASP A 224 -37.31 -13.21 0.49
C ASP A 224 -38.17 -13.42 1.76
N PRO A 225 -39.12 -12.49 2.02
CA PRO A 225 -39.95 -12.62 3.21
C PRO A 225 -40.64 -13.98 3.31
N LYS A 226 -41.01 -14.56 2.17
CA LYS A 226 -41.70 -15.85 2.18
C LYS A 226 -40.80 -16.97 2.76
N SER A 227 -39.51 -16.93 2.42
CA SER A 227 -38.52 -17.88 2.97
C SER A 227 -38.30 -17.61 4.46
N VAL A 228 -38.22 -16.34 4.83
CA VAL A 228 -38.05 -15.98 6.23
C VAL A 228 -39.19 -16.52 7.10
N VAL A 229 -40.42 -16.41 6.61
CA VAL A 229 -41.60 -16.86 7.37
C VAL A 229 -41.56 -18.39 7.55
N LYS A 230 -41.24 -19.12 6.47
CA LYS A 230 -41.07 -20.60 6.54
C LYS A 230 -40.05 -21.02 7.58
N LYS A 231 -38.91 -20.34 7.58
CA LYS A 231 -37.84 -20.62 8.53
C LYS A 231 -38.30 -20.40 9.97
N ILE A 232 -39.04 -19.33 10.20
CA ILE A 232 -39.47 -19.04 11.56
C ILE A 232 -40.54 -20.06 12.00
N LYS A 233 -41.44 -20.42 11.08
CA LYS A 233 -42.47 -21.43 11.37
C LYS A 233 -41.96 -22.83 11.72
N ARG A 234 -40.74 -23.16 11.29
CA ARG A 234 -40.14 -24.46 11.63
C ARG A 234 -39.03 -24.35 12.68
N ALA A 235 -38.91 -23.21 13.35
CA ALA A 235 -37.86 -23.00 14.34
C ALA A 235 -38.00 -24.01 15.47
N MET A 236 -36.87 -24.42 16.01
CA MET A 236 -36.86 -25.43 17.05
C MET A 236 -37.57 -24.93 18.29
N THR A 237 -38.48 -25.75 18.79
CA THR A 237 -39.08 -25.53 20.11
C THR A 237 -39.09 -26.89 20.85
N ASP A 238 -39.44 -26.84 22.13
CA ASP A 238 -39.38 -28.00 22.99
C ASP A 238 -40.68 -28.83 22.91
N SER A 239 -40.66 -29.96 23.62
CA SER A 239 -41.79 -30.88 23.68
C SER A 239 -42.53 -30.79 25.00
N ASP A 240 -42.46 -29.64 25.65
CA ASP A 240 -43.19 -29.46 26.91
C ASP A 240 -44.69 -29.73 26.71
N GLU A 241 -45.28 -30.46 27.64
CA GLU A 241 -46.71 -30.75 27.64
C GLU A 241 -47.24 -30.35 29.01
N PRO A 242 -48.16 -29.39 29.06
CA PRO A 242 -48.65 -28.59 27.94
C PRO A 242 -47.61 -27.59 27.42
N ALA A 243 -47.84 -27.05 26.24
CA ALA A 243 -46.96 -26.02 25.65
C ALA A 243 -46.94 -24.81 26.56
N LEU A 244 -45.75 -24.34 26.91
CA LEU A 244 -45.64 -23.23 27.85
C LEU A 244 -44.72 -22.16 27.27
N ILE A 245 -45.27 -21.01 26.94
CA ILE A 245 -44.48 -19.93 26.38
C ILE A 245 -43.85 -19.13 27.50
N ARG A 246 -42.67 -19.56 27.93
CA ARG A 246 -41.96 -18.95 29.07
C ARG A 246 -40.47 -18.91 28.81
N TYR A 247 -39.82 -17.89 29.34
CA TYR A 247 -38.42 -17.64 29.02
C TYR A 247 -37.53 -18.43 29.96
N ASP A 248 -36.65 -19.23 29.39
CA ASP A 248 -35.66 -19.97 30.13
C ASP A 248 -34.64 -20.45 29.10
N VAL A 249 -33.50 -19.78 29.02
CA VAL A 249 -32.49 -20.10 28.00
C VAL A 249 -31.95 -21.52 28.16
N GLU A 250 -31.74 -21.96 29.41
CA GLU A 250 -31.18 -23.29 29.69
C GLU A 250 -32.11 -24.41 29.23
N LYS A 251 -33.37 -24.35 29.63
CA LYS A 251 -34.32 -25.45 29.38
C LYS A 251 -35.24 -25.28 28.18
N LYS A 252 -35.44 -24.04 27.74
CA LYS A 252 -36.38 -23.76 26.65
C LYS A 252 -35.75 -22.78 25.63
N ALA A 253 -34.53 -23.09 25.19
CA ALA A 253 -33.76 -22.17 24.38
C ALA A 253 -34.49 -21.73 23.13
N GLY A 254 -35.21 -22.65 22.49
CA GLY A 254 -35.91 -22.35 21.21
C GLY A 254 -37.02 -21.33 21.43
N VAL A 255 -37.85 -21.58 22.45
CA VAL A 255 -38.96 -20.70 22.76
C VAL A 255 -38.44 -19.33 23.22
N SER A 256 -37.36 -19.35 24.00
CA SER A 256 -36.74 -18.14 24.53
C SER A 256 -36.22 -17.28 23.40
N ASN A 257 -35.62 -17.91 22.39
CA ASN A 257 -35.09 -17.19 21.25
C ASN A 257 -36.18 -16.54 20.40
N LEU A 258 -37.30 -17.25 20.22
CA LEU A 258 -38.46 -16.66 19.52
C LEU A 258 -38.98 -15.43 20.26
N LEU A 259 -39.02 -15.50 21.60
CA LEU A 259 -39.44 -14.35 22.42
C LEU A 259 -38.46 -13.20 22.32
N ASP A 260 -37.18 -13.52 22.36
CA ASP A 260 -36.12 -12.51 22.23
C ASP A 260 -36.16 -11.81 20.85
N ILE A 261 -36.38 -12.58 19.80
CA ILE A 261 -36.52 -11.99 18.47
C ILE A 261 -37.76 -11.07 18.37
N LEU A 262 -38.92 -11.54 18.84
CA LEU A 262 -40.13 -10.70 18.84
C LEU A 262 -39.91 -9.42 19.66
N SER A 263 -39.31 -9.57 20.85
CA SER A 263 -38.95 -8.44 21.71
C SER A 263 -38.02 -7.46 21.00
N GLY A 264 -37.09 -8.00 20.22
CA GLY A 264 -36.17 -7.17 19.46
C GLY A 264 -36.90 -6.38 18.38
N VAL A 265 -37.95 -6.95 17.79
CA VAL A 265 -38.72 -6.19 16.81
C VAL A 265 -39.70 -5.18 17.44
N THR A 266 -40.48 -5.60 18.43
CA THR A 266 -41.53 -4.71 18.98
C THR A 266 -41.12 -3.81 20.15
N GLY A 267 -39.98 -4.07 20.77
CA GLY A 267 -39.62 -3.36 21.97
C GLY A 267 -40.37 -3.81 23.22
N GLN A 268 -41.26 -4.79 23.11
CA GLN A 268 -41.92 -5.33 24.28
C GLN A 268 -40.96 -6.15 25.14
N SER A 269 -41.12 -6.05 26.45
CA SER A 269 -40.31 -6.76 27.41
C SER A 269 -40.64 -8.27 27.42
N ILE A 270 -39.70 -9.06 27.88
CA ILE A 270 -39.94 -10.50 28.00
C ILE A 270 -41.17 -10.81 28.87
N PRO A 271 -41.30 -10.20 30.07
CA PRO A 271 -42.50 -10.35 30.89
C PRO A 271 -43.80 -9.96 30.20
N GLU A 272 -43.79 -8.84 29.46
CA GLU A 272 -44.97 -8.43 28.69
C GLU A 272 -45.39 -9.48 27.67
N LEU A 273 -44.42 -9.99 26.94
CA LEU A 273 -44.70 -11.02 25.94
C LEU A 273 -45.21 -12.32 26.60
N GLU A 274 -44.64 -12.68 27.74
CA GLU A 274 -45.08 -13.91 28.43
C GLU A 274 -46.55 -13.75 28.86
N ALA A 275 -46.92 -12.55 29.35
CA ALA A 275 -48.31 -12.25 29.68
C ALA A 275 -49.18 -12.31 28.43
N GLN A 276 -48.72 -11.67 27.35
CA GLN A 276 -49.47 -11.62 26.11
C GLN A 276 -49.73 -13.03 25.55
N PHE A 277 -48.78 -13.95 25.76
CA PHE A 277 -48.91 -15.31 25.22
C PHE A 277 -49.41 -16.37 26.23
N THR A 278 -50.02 -15.94 27.35
CA THR A 278 -50.53 -16.91 28.33
C THR A 278 -51.56 -17.80 27.64
N GLY A 279 -51.46 -19.09 27.85
CA GLY A 279 -52.42 -20.06 27.30
C GLY A 279 -52.34 -20.34 25.81
N GLN A 280 -51.29 -19.83 25.16
CA GLN A 280 -51.16 -19.96 23.72
C GLN A 280 -50.22 -21.08 23.31
N MET A 281 -50.35 -21.47 22.04
CA MET A 281 -49.60 -22.58 21.44
C MET A 281 -48.26 -22.07 20.91
N TYR A 282 -47.30 -22.97 20.71
CA TYR A 282 -46.05 -22.57 20.05
C TYR A 282 -46.31 -22.07 18.62
N GLY A 283 -47.30 -22.61 17.95
CA GLY A 283 -47.71 -22.15 16.63
C GLY A 283 -48.07 -20.67 16.59
N HIS A 284 -48.78 -20.23 17.64
CA HIS A 284 -49.16 -18.84 17.78
C HIS A 284 -47.93 -17.95 17.99
N LEU A 285 -46.99 -18.37 18.84
CA LEU A 285 -45.76 -17.61 19.05
C LEU A 285 -44.98 -17.51 17.74
N LYS A 286 -44.83 -18.65 17.03
CA LYS A 286 -44.10 -18.61 15.74
C LYS A 286 -44.79 -17.74 14.70
N GLY A 287 -46.12 -17.78 14.64
CA GLY A 287 -46.92 -16.93 13.72
C GLY A 287 -46.69 -15.45 14.03
N ALA A 288 -46.67 -15.12 15.31
CA ALA A 288 -46.44 -13.75 15.72
C ALA A 288 -45.03 -13.28 15.32
N VAL A 289 -44.04 -14.13 15.58
CA VAL A 289 -42.65 -13.77 15.26
C VAL A 289 -42.51 -13.61 13.76
N ALA A 290 -43.11 -14.52 13.00
CA ALA A 290 -43.03 -14.49 11.53
C ALA A 290 -43.65 -13.23 10.94
N ASP A 291 -44.84 -12.85 11.42
CA ASP A 291 -45.50 -11.60 11.03
C ASP A 291 -44.64 -10.37 11.34
N ALA A 292 -44.10 -10.29 12.54
CA ALA A 292 -43.38 -9.10 12.99
C ALA A 292 -42.10 -8.96 12.16
N VAL A 293 -41.40 -10.08 11.94
CA VAL A 293 -40.10 -10.06 11.24
C VAL A 293 -40.33 -9.77 9.75
N SER A 294 -41.31 -10.47 9.17
CA SER A 294 -41.65 -10.26 7.76
C SER A 294 -42.01 -8.80 7.47
N GLY A 295 -42.79 -8.20 8.38
CA GLY A 295 -43.20 -6.81 8.23
C GLY A 295 -42.02 -5.84 8.19
N MET A 296 -41.11 -6.01 9.16
CA MET A 296 -39.90 -5.19 9.31
C MET A 296 -39.01 -5.35 8.10
N LEU A 297 -38.80 -6.61 7.68
CA LEU A 297 -37.92 -6.89 6.55
CA LEU A 297 -37.93 -6.88 6.55
C LEU A 297 -38.54 -6.42 5.23
N SER A 298 -39.82 -6.63 5.03
CA SER A 298 -40.44 -6.13 3.78
C SER A 298 -40.31 -4.61 3.65
N GLU A 299 -40.47 -3.87 4.75
CA GLU A 299 -40.30 -2.41 4.68
C GLU A 299 -38.86 -2.04 4.34
N LEU A 300 -37.92 -2.69 5.04
CA LEU A 300 -36.50 -2.41 4.81
C LEU A 300 -36.14 -2.72 3.33
N GLN A 301 -36.69 -3.80 2.80
CA GLN A 301 -36.38 -4.21 1.44
C GLN A 301 -36.94 -3.22 0.40
N GLU A 302 -38.09 -2.61 0.71
CA GLU A 302 -38.65 -1.60 -0.18
C GLU A 302 -37.73 -0.38 -0.19
N ARG A 303 -37.29 0.05 0.99
CA ARG A 303 -36.28 1.13 1.07
C ARG A 303 -34.99 0.76 0.33
N TYR A 304 -34.48 -0.45 0.55
CA TYR A 304 -33.29 -0.91 -0.17
C TYR A 304 -33.47 -0.77 -1.69
N ARG A 305 -34.56 -1.30 -2.21
CA ARG A 305 -34.86 -1.21 -3.64
C ARG A 305 -34.88 0.23 -4.15
N THR A 306 -35.51 1.11 -3.43
CA THR A 306 -35.55 2.53 -3.81
C THR A 306 -34.14 3.14 -3.92
N TYR A 307 -33.25 2.84 -2.99
CA TYR A 307 -31.90 3.30 -3.07
C TYR A 307 -31.12 2.55 -4.14
N ARG A 308 -31.28 1.23 -4.20
CA ARG A 308 -30.40 0.38 -5.00
C ARG A 308 -30.60 0.61 -6.48
N GLU A 309 -31.80 0.99 -6.86
CA GLU A 309 -32.14 1.17 -8.25
C GLU A 309 -31.85 2.62 -8.77
N ASP A 310 -31.38 3.51 -7.88
CA ASP A 310 -31.17 4.91 -8.18
C ASP A 310 -29.65 5.13 -8.32
N GLU A 311 -29.14 4.89 -9.52
CA GLU A 311 -27.69 4.92 -9.74
C GLU A 311 -27.11 6.29 -9.46
N ALA A 312 -27.83 7.35 -9.84
CA ALA A 312 -27.34 8.72 -9.65
C ALA A 312 -27.22 9.06 -8.17
N LEU A 313 -28.18 8.61 -7.39
CA LEU A 313 -28.13 8.85 -5.94
C LEU A 313 -26.95 8.08 -5.36
N LEU A 314 -26.75 6.83 -5.77
CA LEU A 314 -25.60 6.09 -5.24
C LEU A 314 -24.26 6.72 -5.57
N GLN A 315 -24.11 7.19 -6.81
CA GLN A 315 -22.95 7.91 -7.23
C GLN A 315 -22.75 9.16 -6.41
N ASP A 316 -23.82 9.95 -6.21
CA ASP A 316 -23.70 11.17 -5.37
C ASP A 316 -23.25 10.88 -3.95
N VAL A 317 -23.81 9.84 -3.36
CA VAL A 317 -23.45 9.46 -1.98
C VAL A 317 -21.99 9.01 -1.94
N MET A 318 -21.56 8.19 -2.90
CA MET A 318 -20.16 7.74 -2.91
C MET A 318 -19.19 8.90 -3.11
N ARG A 319 -19.51 9.78 -4.04
CA ARG A 319 -18.65 10.93 -4.33
C ARG A 319 -18.55 11.88 -3.15
N GLU A 320 -19.66 12.18 -2.54
CA GLU A 320 -19.68 13.06 -1.41
C GLU A 320 -19.03 12.43 -0.16
N GLY A 321 -19.26 11.14 0.03
CA GLY A 321 -18.69 10.43 1.14
C GLY A 321 -17.17 10.41 1.04
N ALA A 322 -16.67 10.10 -0.16
CA ALA A 322 -15.24 10.01 -0.41
C ALA A 322 -14.59 11.36 -0.24
N ALA A 323 -15.28 12.42 -0.66
CA ALA A 323 -14.73 13.76 -0.42
C ALA A 323 -14.61 14.10 1.05
N LYS A 324 -15.65 13.76 1.84
CA LYS A 324 -15.66 14.00 3.28
C LYS A 324 -14.53 13.24 3.96
N ALA A 325 -14.40 11.99 3.56
CA ALA A 325 -13.38 11.11 4.11
C ALA A 325 -11.99 11.59 3.71
N ARG A 326 -11.80 11.92 2.45
CA ARG A 326 -10.49 12.37 2.03
C ARG A 326 -10.00 13.66 2.75
N ALA A 327 -10.93 14.58 3.03
CA ALA A 327 -10.61 15.80 3.70
C ALA A 327 -10.11 15.58 5.14
N ARG A 328 -10.62 14.53 5.80
CA ARG A 328 -10.12 14.14 7.12
C ARG A 328 -8.81 13.34 7.01
N ALA A 329 -8.78 12.40 6.09
CA ALA A 329 -7.66 11.48 5.93
C ALA A 329 -6.38 12.23 5.56
N GLN A 330 -6.52 13.22 4.67
CA GLN A 330 -5.34 13.93 4.16
C GLN A 330 -4.67 14.70 5.26
N VAL A 331 -5.43 15.18 6.26
CA VAL A 331 -4.83 15.87 7.41
C VAL A 331 -3.86 14.93 8.18
N THR A 332 -4.31 13.72 8.45
CA THR A 332 -3.49 12.75 9.13
C THR A 332 -2.31 12.26 8.30
N LEU A 333 -2.52 11.96 7.02
CA LEU A 333 -1.41 11.51 6.18
C LEU A 333 -0.32 12.58 6.03
N ALA A 334 -0.73 13.84 5.86
CA ALA A 334 0.25 14.95 5.78
C ALA A 334 1.12 14.99 7.05
N LYS A 335 0.50 14.77 8.21
CA LYS A 335 1.24 14.74 9.46
C LYS A 335 2.21 13.59 9.52
N VAL A 336 1.80 12.44 9.01
CA VAL A 336 2.65 11.23 9.01
C VAL A 336 3.87 11.45 8.11
N TYR A 337 3.61 11.92 6.89
CA TYR A 337 4.64 12.19 5.92
C TYR A 337 5.60 13.29 6.40
N GLU A 338 5.08 14.32 7.06
CA GLU A 338 5.89 15.37 7.64
C GLU A 338 6.85 14.78 8.69
N ALA A 339 6.30 13.99 9.62
CA ALA A 339 7.07 13.38 10.71
C ALA A 339 8.20 12.48 10.22
N ILE A 340 7.91 11.72 9.17
CA ILE A 340 8.84 10.74 8.66
C ILE A 340 9.99 11.42 7.95
N GLY A 341 9.72 12.60 7.37
CA GLY A 341 10.77 13.37 6.71
C GLY A 341 10.59 13.58 5.20
N PHE A 342 9.43 13.27 4.65
CA PHE A 342 9.23 13.41 3.23
C PHE A 342 9.07 14.90 2.89
N VAL A 343 9.56 15.26 1.71
CA VAL A 343 9.27 16.59 1.14
C VAL A 343 7.77 16.60 0.82
N ALA A 344 7.08 17.56 1.39
CA ALA A 344 5.67 17.72 1.17
C ALA A 344 5.41 18.01 -0.30
N GLN A 345 4.33 17.45 -0.82
CA GLN A 345 3.91 17.77 -2.16
C GLN A 345 3.67 19.28 -2.27
N PRO A 346 4.23 19.95 -3.30
CA PRO A 346 4.05 21.39 -3.41
C PRO A 346 2.59 21.82 -3.69
N LYS B 15 8.08 6.29 -28.91
CA LYS B 15 9.36 6.17 -28.15
C LYS B 15 9.13 5.19 -26.99
N PRO B 16 10.03 4.22 -26.80
CA PRO B 16 9.87 3.34 -25.64
C PRO B 16 9.92 4.07 -24.29
N ILE B 17 9.13 3.59 -23.34
CA ILE B 17 9.04 4.18 -22.00
C ILE B 17 10.07 3.51 -21.10
N VAL B 18 10.94 4.33 -20.52
CA VAL B 18 12.00 3.86 -19.62
C VAL B 18 11.78 4.43 -18.20
N PHE B 19 11.76 3.54 -17.21
CA PHE B 19 11.53 3.93 -15.81
C PHE B 19 12.77 3.60 -14.99
N SER B 20 13.20 4.60 -14.23
CA SER B 20 14.32 4.43 -13.32
C SER B 20 14.00 5.03 -11.96
N GLY B 21 14.21 4.23 -10.92
CA GLY B 21 14.04 4.69 -9.55
C GLY B 21 15.36 5.12 -8.94
N ALA B 22 15.40 6.31 -8.34
CA ALA B 22 16.62 6.88 -7.75
C ALA B 22 16.46 6.99 -6.23
N GLN B 23 17.29 6.31 -5.45
CA GLN B 23 17.25 6.47 -3.97
C GLN B 23 17.58 7.93 -3.60
N PRO B 24 16.86 8.53 -2.64
CA PRO B 24 17.23 9.86 -2.16
C PRO B 24 18.57 9.83 -1.45
N SER B 25 19.64 10.12 -2.18
CA SER B 25 20.97 10.07 -1.56
C SER B 25 21.79 11.35 -1.69
N GLY B 26 21.82 11.95 -2.88
CA GLY B 26 22.80 13.02 -3.22
C GLY B 26 24.24 12.55 -3.44
N GLU B 27 24.53 11.30 -3.06
CA GLU B 27 25.88 10.76 -3.11
C GLU B 27 25.93 9.84 -4.34
N LEU B 28 26.44 10.36 -5.45
CA LEU B 28 26.68 9.56 -6.65
C LEU B 28 28.16 9.62 -6.91
N THR B 29 28.71 8.55 -7.48
CA THR B 29 30.12 8.51 -7.82
C THR B 29 30.28 8.93 -9.28
N ILE B 30 31.49 9.31 -9.64
CA ILE B 30 31.83 9.59 -11.00
C ILE B 30 31.60 8.35 -11.91
N GLY B 31 31.69 7.15 -11.32
CA GLY B 31 31.33 5.91 -12.00
C GLY B 31 29.88 5.79 -12.35
N ASN B 32 28.98 6.15 -11.42
CA ASN B 32 27.55 6.27 -11.74
C ASN B 32 27.32 7.25 -12.88
N TYR B 33 27.94 8.42 -12.76
CA TYR B 33 27.75 9.52 -13.70
C TYR B 33 28.22 9.19 -15.11
N MET B 34 29.49 8.79 -15.25
CA MET B 34 30.04 8.47 -16.57
C MET B 34 29.48 7.19 -17.19
N GLY B 35 29.01 6.26 -16.37
CA GLY B 35 28.28 5.08 -16.88
C GLY B 35 26.79 5.39 -17.03
N ALA B 36 25.99 4.95 -16.06
CA ALA B 36 24.55 5.09 -16.13
C ALA B 36 24.10 6.53 -16.47
N LEU B 37 24.23 7.45 -15.53
CA LEU B 37 23.49 8.70 -15.62
C LEU B 37 23.75 9.53 -16.88
N ARG B 38 25.00 9.64 -17.30
CA ARG B 38 25.30 10.54 -18.42
C ARG B 38 24.77 10.00 -19.75
N GLN B 39 24.78 8.67 -19.92
CA GLN B 39 24.24 8.06 -21.13
C GLN B 39 22.75 8.35 -21.15
N TRP B 40 22.13 8.14 -19.99
CA TRP B 40 20.70 8.38 -19.83
C TRP B 40 20.33 9.85 -20.08
N VAL B 41 21.19 10.78 -19.69
CA VAL B 41 20.95 12.19 -19.99
C VAL B 41 20.84 12.35 -21.51
N GLN B 42 21.86 11.90 -22.25
CA GLN B 42 21.90 12.12 -23.70
C GLN B 42 20.84 11.35 -24.51
N MET B 43 20.08 10.44 -23.86
CA MET B 43 19.01 9.65 -24.51
C MET B 43 17.56 10.11 -24.19
N GLN B 44 17.43 11.24 -23.52
CA GLN B 44 16.14 11.81 -23.24
C GLN B 44 15.35 12.14 -24.51
N ASP B 45 16.01 12.17 -25.65
CA ASP B 45 15.32 12.44 -26.93
C ASP B 45 14.87 11.19 -27.65
N ASP B 46 15.57 10.07 -27.44
CA ASP B 46 15.21 8.80 -28.08
C ASP B 46 14.19 7.96 -27.33
N TYR B 47 14.00 8.31 -26.05
CA TYR B 47 13.17 7.51 -25.14
C TYR B 47 12.28 8.43 -24.31
N ASP B 48 11.17 7.88 -23.82
CA ASP B 48 10.23 8.62 -22.97
C ASP B 48 10.64 8.23 -21.52
N CYS B 49 11.50 9.06 -20.91
CA CYS B 49 12.20 8.66 -19.68
C CYS B 49 11.48 9.20 -18.47
N ILE B 50 11.39 8.33 -17.46
CA ILE B 50 10.74 8.63 -16.19
C ILE B 50 11.71 8.35 -15.05
N TYR B 51 11.99 9.37 -14.26
CA TYR B 51 12.90 9.28 -13.13
C TYR B 51 12.13 9.53 -11.85
N CYS B 52 12.15 8.56 -10.95
CA CYS B 52 11.37 8.62 -9.75
C CYS B 52 12.30 8.60 -8.54
N ILE B 53 12.31 9.67 -7.75
CA ILE B 53 13.09 9.70 -6.51
C ILE B 53 12.30 8.91 -5.44
N VAL B 54 12.80 7.73 -5.10
CA VAL B 54 11.97 6.71 -4.40
C VAL B 54 12.01 6.85 -2.87
N ASP B 55 11.46 7.95 -2.39
CA ASP B 55 11.38 8.17 -0.94
C ASP B 55 10.57 7.16 -0.16
N LEU B 56 9.53 6.60 -0.76
CA LEU B 56 8.79 5.50 -0.11
C LEU B 56 9.60 4.22 0.13
N HIS B 57 10.51 3.91 -0.79
CA HIS B 57 11.45 2.81 -0.60
C HIS B 57 12.46 3.15 0.47
N ALA B 58 12.86 4.41 0.58
CA ALA B 58 13.94 4.78 1.51
C ALA B 58 13.60 4.41 2.96
N ILE B 59 12.34 4.56 3.32
CA ILE B 59 11.90 4.35 4.70
C ILE B 59 11.72 2.90 5.12
N THR B 60 12.08 1.95 4.26
CA THR B 60 12.21 0.58 4.67
C THR B 60 13.45 0.42 5.59
N ALA B 61 14.35 1.40 5.60
CA ALA B 61 15.42 1.46 6.61
C ALA B 61 15.18 2.75 7.42
N ARG B 62 15.54 2.77 8.71
CA ARG B 62 15.21 3.94 9.50
C ARG B 62 15.98 5.16 8.99
N GLN B 63 15.27 6.28 8.88
CA GLN B 63 15.83 7.50 8.36
C GLN B 63 15.68 8.62 9.39
N ASP B 64 16.72 9.43 9.57
CA ASP B 64 16.60 10.69 10.25
C ASP B 64 15.70 11.59 9.37
N PRO B 65 14.58 12.10 9.89
CA PRO B 65 13.63 12.84 9.04
C PRO B 65 14.23 14.04 8.30
N ALA B 66 15.01 14.84 9.01
CA ALA B 66 15.58 16.05 8.43
C ALA B 66 16.55 15.64 7.30
N LEU B 67 17.29 14.55 7.49
CA LEU B 67 18.22 14.12 6.48
C LEU B 67 17.51 13.56 5.27
N LEU B 68 16.40 12.85 5.49
CA LEU B 68 15.64 12.32 4.37
C LEU B 68 15.10 13.44 3.50
N ARG B 69 14.54 14.46 4.13
CA ARG B 69 13.99 15.60 3.37
C ARG B 69 15.13 16.28 2.57
N LYS B 70 16.23 16.54 3.26
CA LYS B 70 17.42 17.16 2.67
C LYS B 70 17.92 16.32 1.52
N ARG B 71 18.04 15.02 1.71
CA ARG B 71 18.58 14.16 0.64
C ARG B 71 17.68 14.00 -0.55
N THR B 72 16.38 14.10 -0.35
CA THR B 72 15.43 14.11 -1.47
C THR B 72 15.69 15.30 -2.38
N LEU B 73 15.80 16.48 -1.78
CA LEU B 73 16.15 17.70 -2.55
C LEU B 73 17.53 17.66 -3.18
N ASP B 74 18.50 17.15 -2.43
CA ASP B 74 19.87 16.98 -2.94
C ASP B 74 19.83 16.16 -4.26
N THR B 75 19.10 15.04 -4.23
CA THR B 75 18.96 14.14 -5.38
C THR B 75 18.37 14.84 -6.57
N LEU B 76 17.27 15.54 -6.37
CA LEU B 76 16.65 16.29 -7.46
C LEU B 76 17.61 17.33 -8.08
N ALA B 77 18.24 18.13 -7.23
CA ALA B 77 19.15 19.18 -7.71
C ALA B 77 20.34 18.56 -8.42
N LEU B 78 20.82 17.40 -7.94
CA LEU B 78 21.94 16.72 -8.60
C LEU B 78 21.53 16.18 -9.97
N TYR B 79 20.33 15.60 -10.08
CA TYR B 79 19.89 15.10 -11.39
C TYR B 79 19.71 16.26 -12.38
N LEU B 80 19.16 17.40 -11.93
CA LEU B 80 19.06 18.60 -12.76
C LEU B 80 20.42 19.12 -13.20
N ALA B 81 21.35 19.27 -12.25
CA ALA B 81 22.75 19.65 -12.52
C ALA B 81 23.44 18.74 -13.55
N CYS B 82 23.16 17.43 -13.48
CA CYS B 82 23.71 16.46 -14.43
C CYS B 82 23.07 16.48 -15.81
N GLY B 83 21.97 17.19 -15.98
CA GLY B 83 21.37 17.34 -17.30
C GLY B 83 20.00 16.70 -17.51
N ILE B 84 19.38 16.14 -16.47
CA ILE B 84 18.03 15.61 -16.63
C ILE B 84 17.12 16.79 -16.79
N ASP B 85 16.37 16.81 -17.89
CA ASP B 85 15.61 17.99 -18.27
C ASP B 85 14.13 17.73 -18.03
N PRO B 86 13.51 18.51 -17.14
CA PRO B 86 12.14 18.20 -16.73
C PRO B 86 11.08 18.50 -17.81
N LYS B 87 11.47 19.17 -18.91
CA LYS B 87 10.58 19.34 -20.07
C LYS B 87 10.69 18.16 -21.04
N LYS B 88 11.86 17.49 -21.12
CA LYS B 88 12.03 16.30 -21.97
C LYS B 88 11.67 15.01 -21.24
N SER B 89 11.94 14.99 -19.94
CA SER B 89 11.75 13.81 -19.11
C SER B 89 10.72 14.11 -18.01
N THR B 90 10.26 13.07 -17.34
CA THR B 90 9.38 13.22 -16.21
C THR B 90 10.17 12.91 -14.95
N ILE B 91 10.45 13.91 -14.13
CA ILE B 91 11.17 13.66 -12.87
C ILE B 91 10.30 14.09 -11.70
N PHE B 92 10.21 13.21 -10.71
CA PHE B 92 9.28 13.43 -9.61
C PHE B 92 9.67 12.64 -8.37
N VAL B 93 9.06 13.04 -7.26
CA VAL B 93 9.21 12.36 -5.98
C VAL B 93 8.05 11.37 -5.81
N GLN B 94 8.42 10.10 -5.60
CA GLN B 94 7.49 8.99 -5.44
C GLN B 94 6.30 9.30 -4.56
N SER B 95 6.52 9.81 -3.35
CA SER B 95 5.46 10.06 -2.42
C SER B 95 4.43 11.11 -2.90
N HIS B 96 4.75 11.85 -3.95
CA HIS B 96 3.85 12.88 -4.48
C HIS B 96 2.82 12.29 -5.41
N VAL B 97 2.92 10.99 -5.65
CA VAL B 97 2.03 10.30 -6.58
C VAL B 97 1.38 9.13 -5.85
N PRO B 98 0.17 9.35 -5.34
CA PRO B 98 -0.57 8.33 -4.56
C PRO B 98 -0.74 7.01 -5.25
N GLU B 99 -0.82 7.04 -6.59
CA GLU B 99 -0.97 5.85 -7.40
C GLU B 99 0.07 4.76 -7.18
N HIS B 100 1.29 5.10 -6.78
CA HIS B 100 2.29 4.09 -6.48
C HIS B 100 1.81 3.19 -5.33
N SER B 101 1.38 3.82 -4.24
CA SER B 101 0.91 3.10 -3.06
C SER B 101 -0.40 2.35 -3.33
N GLN B 102 -1.28 2.97 -4.11
CA GLN B 102 -2.53 2.36 -4.43
C GLN B 102 -2.30 1.11 -5.25
N LEU B 103 -1.51 1.21 -6.31
CA LEU B 103 -1.19 0.01 -7.11
C LEU B 103 -0.41 -1.04 -6.30
N SER B 104 0.45 -0.59 -5.40
CA SER B 104 1.19 -1.55 -4.60
C SER B 104 0.28 -2.45 -3.76
N TRP B 105 -0.74 -1.88 -3.12
CA TRP B 105 -1.66 -2.68 -2.32
C TRP B 105 -2.32 -3.72 -3.25
N ALA B 106 -2.82 -3.28 -4.40
CA ALA B 106 -3.52 -4.18 -5.34
C ALA B 106 -2.62 -5.33 -5.78
N LEU B 107 -1.39 -5.00 -6.18
CA LEU B 107 -0.45 -6.02 -6.59
C LEU B 107 -0.04 -6.97 -5.45
N ASN B 108 -0.10 -6.52 -4.19
CA ASN B 108 0.14 -7.47 -3.05
C ASN B 108 -0.74 -8.69 -3.21
N CYS B 109 -1.97 -8.43 -3.67
CA CYS B 109 -2.95 -9.49 -3.73
C CYS B 109 -2.69 -10.50 -4.88
N TYR B 110 -1.80 -10.17 -5.80
CA TYR B 110 -1.43 -11.06 -6.94
C TYR B 110 0.05 -11.49 -6.87
N THR B 111 0.63 -11.32 -5.67
CA THR B 111 2.01 -11.74 -5.41
C THR B 111 1.96 -12.82 -4.34
N TYR B 112 2.70 -13.90 -4.53
CA TYR B 112 2.67 -14.98 -3.54
C TYR B 112 3.61 -14.68 -2.38
N PHE B 113 3.18 -15.00 -1.17
CA PHE B 113 4.04 -14.86 0.04
C PHE B 113 5.35 -15.59 -0.23
N GLY B 114 5.26 -16.78 -0.83
CA GLY B 114 6.45 -17.60 -1.18
C GLY B 114 7.45 -16.86 -2.04
N GLU B 115 6.95 -16.06 -2.98
CA GLU B 115 7.80 -15.27 -3.87
C GLU B 115 8.60 -14.18 -3.17
N LEU B 116 7.98 -13.51 -2.20
CA LEU B 116 8.68 -12.48 -1.39
C LEU B 116 9.63 -13.15 -0.41
N SER B 117 9.19 -14.25 0.19
CA SER B 117 10.07 -15.00 1.09
C SER B 117 11.39 -15.42 0.40
N ARG B 118 11.31 -15.87 -0.84
CA ARG B 118 12.53 -16.25 -1.60
C ARG B 118 13.38 -15.06 -2.08
N MET B 119 12.82 -13.85 -2.09
CA MET B 119 13.57 -12.60 -2.37
C MET B 119 14.41 -12.10 -1.17
N THR B 120 14.08 -12.57 0.03
CA THR B 120 14.82 -12.19 1.25
C THR B 120 16.05 -13.08 1.49
N GLN B 121 16.79 -12.76 2.55
CA GLN B 121 17.86 -13.62 3.08
C GLN B 121 17.39 -14.72 4.08
N PHE B 122 16.08 -14.95 4.18
CA PHE B 122 15.50 -15.79 5.25
C PHE B 122 16.07 -17.22 5.27
N LYS B 123 16.32 -17.81 4.10
CA LYS B 123 16.84 -19.20 4.01
C LYS B 123 18.20 -19.35 4.72
N ASP B 124 18.90 -18.22 4.90
CA ASP B 124 20.24 -18.18 5.46
C ASP B 124 20.22 -17.77 6.93
N LYS B 125 19.05 -17.32 7.39
CA LYS B 125 18.96 -16.54 8.63
C LYS B 125 17.93 -17.08 9.61
N SER B 126 18.04 -16.58 10.82
CA SER B 126 17.26 -17.09 11.93
C SER B 126 15.83 -16.61 11.79
N ALA B 127 14.93 -17.28 12.50
CA ALA B 127 13.57 -16.79 12.67
C ALA B 127 13.55 -15.46 13.43
N ARG B 128 14.45 -15.27 14.41
CA ARG B 128 14.52 -14.01 15.14
C ARG B 128 14.79 -12.86 14.19
N TYR B 129 15.73 -13.08 13.28
CA TYR B 129 16.07 -12.07 12.28
C TYR B 129 14.85 -11.74 11.45
N ALA B 130 14.22 -12.74 10.86
CA ALA B 130 13.03 -12.54 10.04
C ALA B 130 11.90 -11.83 10.77
N GLU B 131 11.69 -12.15 12.05
CA GLU B 131 10.57 -11.62 12.79
C GLU B 131 10.82 -10.14 13.09
N ASN B 132 12.09 -9.75 13.16
CA ASN B 132 12.44 -8.40 13.54
C ASN B 132 12.61 -7.38 12.41
N ILE B 133 12.57 -7.83 11.15
CA ILE B 133 12.61 -6.89 10.03
C ILE B 133 11.24 -6.22 9.95
N ASN B 134 11.17 -5.04 9.32
CA ASN B 134 9.85 -4.45 9.15
C ASN B 134 9.20 -4.98 7.92
N ALA B 135 7.88 -4.91 7.90
CA ALA B 135 7.09 -5.44 6.80
C ALA B 135 7.36 -4.75 5.49
N GLY B 136 7.81 -3.49 5.56
CA GLY B 136 8.18 -2.73 4.38
C GLY B 136 9.36 -3.36 3.68
N LEU B 137 10.35 -3.82 4.45
CA LEU B 137 11.51 -4.49 3.87
C LEU B 137 11.09 -5.79 3.20
N PHE B 138 10.17 -6.50 3.79
CA PHE B 138 9.64 -7.72 3.15
C PHE B 138 8.88 -7.44 1.85
N ASP B 139 8.06 -6.37 1.88
CA ASP B 139 7.08 -6.08 0.84
C ASP B 139 7.55 -5.12 -0.25
N TYR B 140 8.74 -4.52 -0.10
CA TYR B 140 9.19 -3.57 -1.15
C TYR B 140 9.30 -4.04 -2.60
N PRO B 141 9.61 -5.34 -2.84
CA PRO B 141 9.54 -5.80 -4.24
C PRO B 141 8.22 -5.59 -4.91
N VAL B 142 7.14 -5.62 -4.14
CA VAL B 142 5.82 -5.34 -4.73
C VAL B 142 5.68 -3.85 -5.11
N LEU B 143 6.12 -2.96 -4.22
CA LEU B 143 6.10 -1.54 -4.51
C LEU B 143 6.95 -1.22 -5.77
N MET B 144 8.10 -1.90 -5.90
CA MET B 144 8.97 -1.76 -7.07
C MET B 144 8.29 -2.21 -8.35
N ALA B 145 7.54 -3.33 -8.28
CA ALA B 145 6.72 -3.80 -9.39
C ALA B 145 5.69 -2.74 -9.72
N ALA B 146 5.03 -2.19 -8.70
CA ALA B 146 4.01 -1.17 -8.92
C ALA B 146 4.60 0.08 -9.61
N ASP B 147 5.77 0.53 -9.15
CA ASP B 147 6.44 1.71 -9.66
C ASP B 147 6.61 1.57 -11.18
N ILE B 148 7.13 0.43 -11.61
CA ILE B 148 7.36 0.15 -13.04
C ILE B 148 6.07 0.01 -13.85
N LEU B 149 5.17 -0.84 -13.36
CA LEU B 149 3.99 -1.23 -14.15
C LEU B 149 3.01 -0.10 -14.31
N LEU B 150 3.03 0.85 -13.38
CA LEU B 150 2.08 1.92 -13.40
C LEU B 150 2.20 2.78 -14.67
N TYR B 151 3.40 2.85 -15.24
CA TYR B 151 3.66 3.72 -16.37
C TYR B 151 3.72 3.03 -17.75
N GLN B 152 3.24 1.79 -17.88
CA GLN B 152 3.33 1.05 -19.14
C GLN B 152 4.77 1.00 -19.61
N THR B 153 5.67 0.83 -18.66
CA THR B 153 7.10 0.84 -18.92
C THR B 153 7.57 -0.31 -19.83
N ASN B 154 8.39 0.03 -20.82
CA ASN B 154 8.95 -0.97 -21.74
C ASN B 154 10.29 -1.48 -21.22
N GLN B 155 11.10 -0.57 -20.67
CA GLN B 155 12.43 -0.93 -20.25
C GLN B 155 12.84 -0.31 -18.92
N VAL B 156 13.59 -1.08 -18.13
CA VAL B 156 14.08 -0.65 -16.85
C VAL B 156 15.60 -0.88 -16.77
N PRO B 157 16.37 0.16 -16.42
CA PRO B 157 17.80 -0.04 -16.15
C PRO B 157 17.96 -0.80 -14.85
N VAL B 158 18.56 -1.98 -14.94
CA VAL B 158 18.67 -2.86 -13.80
C VAL B 158 20.15 -3.16 -13.59
N GLY B 159 20.65 -2.87 -12.39
CA GLY B 159 21.95 -3.40 -11.95
C GLY B 159 21.75 -4.85 -11.54
N GLU B 160 22.83 -5.64 -11.60
CA GLU B 160 22.79 -7.12 -11.37
C GLU B 160 21.99 -7.55 -10.13
N ASP B 161 22.17 -6.81 -9.03
CA ASP B 161 21.44 -7.04 -7.77
C ASP B 161 19.92 -6.76 -7.83
N GLN B 162 19.46 -6.06 -8.87
CA GLN B 162 18.02 -5.81 -9.05
C GLN B 162 17.36 -6.76 -10.11
N LYS B 163 18.09 -7.77 -10.60
CA LYS B 163 17.51 -8.69 -11.62
C LYS B 163 16.33 -9.49 -11.07
N GLN B 164 16.48 -10.07 -9.89
CA GLN B 164 15.38 -10.80 -9.26
C GLN B 164 14.13 -9.92 -9.18
N HIS B 165 14.36 -8.66 -8.86
CA HIS B 165 13.25 -7.71 -8.66
C HIS B 165 12.51 -7.46 -9.98
N LEU B 166 13.25 -7.21 -11.05
CA LEU B 166 12.61 -7.09 -12.39
C LEU B 166 11.92 -8.40 -12.80
N GLU B 167 12.47 -9.57 -12.47
CA GLU B 167 11.79 -10.84 -12.86
C GLU B 167 10.44 -10.98 -12.13
N LEU B 168 10.40 -10.59 -10.85
CA LEU B 168 9.16 -10.61 -10.11
C LEU B 168 8.12 -9.67 -10.73
N SER B 169 8.54 -8.48 -11.18
CA SER B 169 7.66 -7.51 -11.81
C SER B 169 7.02 -8.13 -13.03
N ARG B 170 7.86 -8.78 -13.86
CA ARG B 170 7.39 -9.43 -15.08
C ARG B 170 6.43 -10.57 -14.74
N ASP B 171 6.72 -11.31 -13.67
CA ASP B 171 5.85 -12.42 -13.28
C ASP B 171 4.50 -11.94 -12.78
N ILE B 172 4.50 -10.86 -11.98
CA ILE B 172 3.25 -10.25 -11.51
C ILE B 172 2.44 -9.74 -12.71
N ALA B 173 3.08 -9.00 -13.61
CA ALA B 173 2.41 -8.44 -14.77
C ALA B 173 1.76 -9.53 -15.60
N SER B 174 2.48 -10.64 -15.83
CA SER B 174 1.94 -11.73 -16.65
C SER B 174 0.81 -12.43 -15.94
N ARG B 175 0.94 -12.69 -14.64
CA ARG B 175 -0.13 -13.27 -13.84
C ARG B 175 -1.43 -12.42 -13.89
N PHE B 176 -1.29 -11.11 -13.72
CA PHE B 176 -2.40 -10.23 -13.77
C PHE B 176 -3.02 -10.18 -15.17
N ASN B 177 -2.19 -10.03 -16.19
CA ASN B 177 -2.70 -9.96 -17.56
C ASN B 177 -3.43 -11.27 -17.95
N ASN B 178 -2.89 -12.40 -17.49
CA ASN B 178 -3.51 -13.70 -17.77
C ASN B 178 -4.91 -13.82 -17.18
N LEU B 179 -5.15 -13.14 -16.05
CA LEU B 179 -6.45 -13.14 -15.43
C LEU B 179 -7.40 -12.13 -16.08
N TYR B 180 -6.89 -10.96 -16.46
CA TYR B 180 -7.73 -9.78 -16.70
C TYR B 180 -7.63 -9.15 -18.09
N GLY B 181 -6.71 -9.63 -18.94
CA GLY B 181 -6.46 -9.00 -20.25
C GLY B 181 -5.16 -8.22 -20.21
N ASP B 182 -4.81 -7.59 -21.32
CA ASP B 182 -3.49 -6.94 -21.47
C ASP B 182 -3.39 -5.53 -20.85
N ILE B 183 -3.45 -5.49 -19.53
CA ILE B 183 -3.49 -4.26 -18.78
C ILE B 183 -2.08 -3.68 -18.63
N PHE B 184 -1.11 -4.56 -18.38
CA PHE B 184 0.28 -4.15 -18.17
C PHE B 184 1.16 -4.50 -19.38
N LYS B 185 2.15 -3.67 -19.70
CA LYS B 185 3.29 -4.06 -20.54
C LYS B 185 4.19 -4.95 -19.70
N ILE B 186 4.77 -5.99 -20.31
CA ILE B 186 5.78 -6.81 -19.62
C ILE B 186 7.10 -6.09 -19.83
N PRO B 187 7.72 -5.60 -18.73
CA PRO B 187 8.91 -4.78 -18.93
C PRO B 187 10.15 -5.62 -19.23
N GLU B 188 11.11 -5.02 -19.93
CA GLU B 188 12.39 -5.70 -20.26
C GLU B 188 13.56 -4.95 -19.64
N PRO B 189 14.71 -5.62 -19.45
CA PRO B 189 15.91 -4.92 -18.99
C PRO B 189 16.41 -3.89 -20.02
N PHE B 190 16.83 -2.72 -19.55
CA PHE B 190 17.44 -1.73 -20.41
C PHE B 190 18.88 -2.17 -20.65
N ILE B 191 19.29 -2.25 -21.92
CA ILE B 191 20.64 -2.71 -22.30
C ILE B 191 21.58 -1.50 -22.42
N PRO B 192 22.50 -1.33 -21.44
CA PRO B 192 23.34 -0.14 -21.47
C PRO B 192 24.35 -0.17 -22.61
N LYS B 193 24.87 1.01 -22.96
CA LYS B 193 25.96 1.12 -23.94
C LYS B 193 27.15 0.24 -23.51
N ALA B 194 27.65 -0.58 -24.43
CA ALA B 194 28.86 -1.36 -24.17
C ALA B 194 30.02 -0.38 -24.00
N GLY B 195 30.81 -0.55 -22.95
CA GLY B 195 31.90 0.37 -22.67
C GLY B 195 32.59 0.10 -21.35
N ALA B 196 33.75 0.71 -21.17
CA ALA B 196 34.53 0.54 -19.96
C ALA B 196 33.81 1.17 -18.77
N ARG B 197 33.88 0.47 -17.64
CA ARG B 197 33.37 0.99 -16.38
C ARG B 197 34.50 1.76 -15.67
N VAL B 198 34.16 2.87 -15.04
CA VAL B 198 35.09 3.53 -14.10
C VAL B 198 35.37 2.58 -12.93
N MET B 199 36.64 2.32 -12.66
CA MET B 199 37.03 1.35 -11.62
C MET B 199 37.57 2.09 -10.38
N SER B 200 37.66 1.37 -9.28
CA SER B 200 38.23 1.87 -8.03
C SER B 200 39.69 2.30 -8.17
N LEU B 201 40.03 3.40 -7.52
CA LEU B 201 41.33 4.04 -7.72
C LEU B 201 42.48 3.31 -7.06
N GLN B 202 42.20 2.58 -5.98
CA GLN B 202 43.19 1.72 -5.32
C GLN B 202 42.98 0.24 -5.60
N ASP B 203 41.96 -0.13 -6.35
CA ASP B 203 41.82 -1.51 -6.81
C ASP B 203 41.12 -1.50 -8.15
N PRO B 204 41.90 -1.20 -9.20
CA PRO B 204 41.29 -0.95 -10.49
C PRO B 204 40.71 -2.18 -11.17
N THR B 205 40.84 -3.36 -10.55
CA THR B 205 40.14 -4.55 -11.03
C THR B 205 38.72 -4.63 -10.48
N LYS B 206 38.34 -3.69 -9.60
CA LYS B 206 36.99 -3.65 -9.04
C LYS B 206 36.26 -2.37 -9.42
N LYS B 207 34.97 -2.52 -9.77
CA LYS B 207 34.15 -1.37 -10.14
C LYS B 207 34.07 -0.37 -8.99
N MET B 208 34.05 0.92 -9.31
CA MET B 208 33.92 1.95 -8.28
C MET B 208 32.52 1.84 -7.68
N SER B 209 32.46 1.80 -6.36
CA SER B 209 31.23 1.55 -5.62
C SER B 209 31.00 2.58 -4.52
N LYS B 210 29.78 3.13 -4.48
CA LYS B 210 29.32 4.03 -3.41
C LYS B 210 29.63 3.53 -1.99
N SER B 211 29.41 2.24 -1.76
CA SER B 211 29.42 1.65 -0.40
C SER B 211 30.81 1.22 0.08
N ASP B 212 31.83 1.43 -0.75
CA ASP B 212 33.18 1.07 -0.38
C ASP B 212 33.59 1.77 0.93
N ASP B 213 34.14 1.00 1.85
CA ASP B 213 34.64 1.55 3.11
C ASP B 213 36.00 2.27 2.92
N ASN B 214 36.69 1.98 1.82
CA ASN B 214 37.93 2.69 1.53
C ASN B 214 37.57 3.85 0.60
N ARG B 215 37.43 5.04 1.18
CA ARG B 215 36.97 6.20 0.46
C ARG B 215 37.94 6.70 -0.62
N ASN B 216 39.19 6.27 -0.50
CA ASN B 216 40.20 6.55 -1.51
C ASN B 216 39.93 5.84 -2.84
N ASN B 217 39.08 4.82 -2.84
CA ASN B 217 38.65 4.15 -4.06
C ASN B 217 37.62 4.96 -4.87
N VAL B 218 36.94 5.90 -4.21
CA VAL B 218 35.74 6.51 -4.75
C VAL B 218 35.88 8.01 -4.93
N ILE B 219 35.36 8.52 -6.05
CA ILE B 219 35.23 9.96 -6.27
C ILE B 219 33.72 10.26 -6.38
N GLU B 220 33.20 11.13 -5.53
CA GLU B 220 31.79 11.50 -5.59
C GLU B 220 31.64 12.82 -6.32
N LEU B 221 30.51 13.02 -6.97
CA LEU B 221 30.27 14.19 -7.78
C LEU B 221 30.30 15.49 -6.95
N LEU B 222 29.85 15.44 -5.71
CA LEU B 222 29.81 16.63 -4.90
C LEU B 222 31.00 16.76 -3.95
N GLU B 223 32.05 15.95 -4.16
CA GLU B 223 33.23 15.92 -3.30
C GLU B 223 34.11 17.19 -3.45
N ASP B 224 34.71 17.68 -2.37
CA ASP B 224 35.67 18.80 -2.45
C ASP B 224 36.67 18.48 -3.58
N PRO B 225 36.78 19.40 -4.53
CA PRO B 225 37.76 19.23 -5.61
C PRO B 225 39.21 19.00 -5.13
N LYS B 226 39.60 19.53 -3.97
CA LYS B 226 40.94 19.18 -3.40
C LYS B 226 41.10 17.69 -3.09
N SER B 227 40.03 17.09 -2.58
CA SER B 227 40.01 15.68 -2.22
C SER B 227 40.04 14.80 -3.51
N VAL B 228 39.27 15.21 -4.49
CA VAL B 228 39.24 14.57 -5.76
C VAL B 228 40.64 14.54 -6.38
N VAL B 229 41.32 15.69 -6.40
CA VAL B 229 42.64 15.78 -6.98
C VAL B 229 43.64 14.87 -6.23
N LYS B 230 43.56 14.85 -4.90
CA LYS B 230 44.44 14.03 -4.08
C LYS B 230 44.27 12.54 -4.38
N LYS B 231 43.01 12.11 -4.49
CA LYS B 231 42.68 10.68 -4.70
C LYS B 231 43.11 10.17 -6.06
N ILE B 232 43.01 11.04 -7.06
CA ILE B 232 43.50 10.74 -8.40
C ILE B 232 45.02 10.71 -8.51
N LYS B 233 45.71 11.68 -7.90
CA LYS B 233 47.17 11.73 -7.96
C LYS B 233 47.82 10.51 -7.26
N ARG B 234 47.13 9.91 -6.29
CA ARG B 234 47.61 8.73 -5.61
C ARG B 234 47.09 7.39 -6.21
N ALA B 235 46.38 7.45 -7.34
CA ALA B 235 45.81 6.24 -7.94
C ALA B 235 46.88 5.16 -8.20
N MET B 236 46.52 3.90 -8.00
CA MET B 236 47.43 2.76 -8.15
C MET B 236 47.74 2.57 -9.62
N THR B 237 49.02 2.48 -9.97
CA THR B 237 49.45 2.14 -11.32
C THR B 237 50.52 1.03 -11.25
N ASP B 238 50.79 0.44 -12.43
CA ASP B 238 51.68 -0.72 -12.57
C ASP B 238 53.13 -0.32 -12.42
N SER B 239 54.00 -1.32 -12.36
CA SER B 239 55.43 -1.09 -12.23
C SER B 239 56.22 -1.26 -13.53
N ASP B 240 55.56 -1.22 -14.69
CA ASP B 240 56.26 -1.45 -15.95
C ASP B 240 57.47 -0.53 -16.01
N GLU B 241 58.57 -1.06 -16.53
CA GLU B 241 59.79 -0.31 -16.80
C GLU B 241 60.25 -0.67 -18.22
N PRO B 242 60.28 0.31 -19.14
CA PRO B 242 59.93 1.73 -18.95
C PRO B 242 58.41 1.91 -18.70
N ALA B 243 58.03 3.01 -18.07
CA ALA B 243 56.62 3.25 -17.75
C ALA B 243 55.94 3.71 -19.04
N LEU B 244 54.96 2.95 -19.52
CA LEU B 244 54.30 3.27 -20.79
C LEU B 244 52.84 3.53 -20.55
N ILE B 245 52.33 4.63 -21.12
CA ILE B 245 50.93 5.01 -20.97
C ILE B 245 50.16 4.43 -22.15
N ARG B 246 49.76 3.17 -21.99
CA ARG B 246 49.08 2.39 -23.00
C ARG B 246 47.91 1.68 -22.32
N TYR B 247 46.80 1.58 -23.03
CA TYR B 247 45.61 0.88 -22.59
C TYR B 247 45.74 -0.64 -22.69
N ASP B 248 45.58 -1.29 -21.56
CA ASP B 248 45.55 -2.75 -21.46
C ASP B 248 44.94 -3.08 -20.10
N VAL B 249 43.66 -3.47 -20.09
CA VAL B 249 42.97 -3.65 -18.80
C VAL B 249 43.57 -4.84 -18.01
N GLU B 250 44.05 -5.85 -18.72
CA GLU B 250 44.58 -7.07 -18.08
C GLU B 250 45.87 -6.78 -17.30
N LYS B 251 46.84 -6.13 -17.95
CA LYS B 251 48.16 -5.94 -17.33
C LYS B 251 48.42 -4.52 -16.83
N LYS B 252 47.61 -3.56 -17.27
CA LYS B 252 47.79 -2.16 -16.89
C LYS B 252 46.43 -1.55 -16.45
N ALA B 253 45.78 -2.21 -15.50
CA ALA B 253 44.41 -1.85 -15.08
C ALA B 253 44.31 -0.41 -14.63
N GLY B 254 45.23 0.03 -13.77
CA GLY B 254 45.23 1.37 -13.20
C GLY B 254 45.46 2.45 -14.24
N VAL B 255 46.48 2.28 -15.08
CA VAL B 255 46.73 3.21 -16.21
C VAL B 255 45.53 3.26 -17.17
N SER B 256 44.99 2.09 -17.46
CA SER B 256 43.82 1.98 -18.34
C SER B 256 42.58 2.73 -17.78
N ASN B 257 42.31 2.51 -16.50
CA ASN B 257 41.25 3.22 -15.79
C ASN B 257 41.43 4.72 -15.84
N LEU B 258 42.66 5.21 -15.68
CA LEU B 258 42.91 6.66 -15.73
C LEU B 258 42.61 7.20 -17.13
N LEU B 259 43.03 6.46 -18.15
CA LEU B 259 42.77 6.84 -19.54
C LEU B 259 41.27 6.85 -19.82
N ASP B 260 40.55 5.82 -19.34
CA ASP B 260 39.09 5.78 -19.45
C ASP B 260 38.39 6.96 -18.83
N ILE B 261 38.83 7.34 -17.63
CA ILE B 261 38.23 8.46 -16.92
C ILE B 261 38.50 9.77 -17.71
N LEU B 262 39.74 9.96 -18.17
CA LEU B 262 40.10 11.18 -18.93
C LEU B 262 39.27 11.28 -20.21
N SER B 263 39.19 10.16 -20.92
CA SER B 263 38.40 10.07 -22.16
C SER B 263 36.93 10.40 -21.90
N GLY B 264 36.42 9.92 -20.77
CA GLY B 264 35.04 10.21 -20.36
C GLY B 264 34.82 11.69 -20.11
N VAL B 265 35.84 12.39 -19.59
CA VAL B 265 35.76 13.83 -19.38
C VAL B 265 35.94 14.61 -20.67
N THR B 266 37.02 14.37 -21.40
CA THR B 266 37.34 15.22 -22.54
C THR B 266 36.69 14.81 -23.88
N GLY B 267 36.24 13.57 -24.02
CA GLY B 267 35.70 13.07 -25.28
C GLY B 267 36.76 12.50 -26.22
N GLN B 268 38.04 12.66 -25.87
CA GLN B 268 39.14 12.17 -26.72
C GLN B 268 39.16 10.67 -26.71
N SER B 269 39.38 10.03 -27.86
CA SER B 269 39.43 8.58 -27.89
C SER B 269 40.64 8.06 -27.12
N ILE B 270 40.62 6.80 -26.73
CA ILE B 270 41.80 6.23 -26.06
C ILE B 270 43.06 6.34 -26.94
N PRO B 271 42.98 5.93 -28.21
CA PRO B 271 44.17 6.08 -29.05
C PRO B 271 44.70 7.52 -29.15
N GLU B 272 43.81 8.52 -29.21
CA GLU B 272 44.26 9.91 -29.21
C GLU B 272 45.06 10.19 -27.96
N LEU B 273 44.61 9.66 -26.83
CA LEU B 273 45.31 9.90 -25.56
C LEU B 273 46.64 9.18 -25.45
N GLU B 274 46.70 7.97 -25.95
CA GLU B 274 47.96 7.23 -25.95
C GLU B 274 49.02 8.03 -26.72
N ALA B 275 48.68 8.57 -27.89
CA ALA B 275 49.62 9.41 -28.65
C ALA B 275 50.03 10.69 -27.92
N GLN B 276 49.04 11.36 -27.31
CA GLN B 276 49.28 12.55 -26.47
C GLN B 276 50.31 12.32 -25.36
N PHE B 277 50.23 11.17 -24.69
CA PHE B 277 51.09 10.92 -23.55
C PHE B 277 52.37 10.21 -23.88
N THR B 278 52.73 10.15 -25.18
CA THR B 278 53.99 9.51 -25.60
C THR B 278 55.12 10.09 -24.80
N GLY B 279 55.95 9.24 -24.21
CA GLY B 279 57.14 9.73 -23.54
C GLY B 279 56.85 10.32 -22.16
N GLN B 280 55.59 10.39 -21.71
CA GLN B 280 55.29 11.04 -20.42
C GLN B 280 55.31 10.06 -19.23
N MET B 281 55.46 10.59 -18.02
CA MET B 281 55.46 9.74 -16.83
C MET B 281 54.03 9.58 -16.26
N TYR B 282 53.82 8.52 -15.47
CA TYR B 282 52.50 8.23 -14.88
C TYR B 282 52.00 9.41 -14.03
N GLY B 283 52.91 10.05 -13.31
CA GLY B 283 52.62 11.30 -12.57
C GLY B 283 51.99 12.40 -13.42
N HIS B 284 52.45 12.49 -14.68
CA HIS B 284 51.87 13.39 -15.64
C HIS B 284 50.45 12.99 -16.00
N LEU B 285 50.22 11.73 -16.27
CA LEU B 285 48.89 11.24 -16.56
C LEU B 285 47.99 11.54 -15.38
N LYS B 286 48.44 11.24 -14.16
CA LYS B 286 47.58 11.40 -13.00
C LYS B 286 47.21 12.87 -12.80
N GLY B 287 48.18 13.75 -12.99
CA GLY B 287 47.95 15.17 -12.88
C GLY B 287 46.97 15.66 -13.94
N ALA B 288 47.06 15.13 -15.15
CA ALA B 288 46.11 15.49 -16.24
C ALA B 288 44.71 15.01 -15.93
N VAL B 289 44.58 13.77 -15.48
CA VAL B 289 43.27 13.26 -15.06
C VAL B 289 42.66 14.07 -13.92
N ALA B 290 43.47 14.40 -12.95
CA ALA B 290 43.02 15.20 -11.83
C ALA B 290 42.52 16.59 -12.24
N ASP B 291 43.28 17.28 -13.10
CA ASP B 291 42.87 18.58 -13.66
C ASP B 291 41.50 18.48 -14.39
N ALA B 292 41.35 17.45 -15.20
CA ALA B 292 40.16 17.29 -16.03
C ALA B 292 38.93 16.97 -15.18
N VAL B 293 39.06 16.03 -14.24
CA VAL B 293 37.96 15.66 -13.35
C VAL B 293 37.59 16.81 -12.41
N SER B 294 38.59 17.44 -11.79
CA SER B 294 38.40 18.64 -10.93
C SER B 294 37.65 19.76 -11.66
N GLY B 295 38.04 20.03 -12.90
CA GLY B 295 37.32 20.99 -13.75
C GLY B 295 35.86 20.62 -14.00
N MET B 296 35.63 19.37 -14.35
CA MET B 296 34.31 18.87 -14.60
C MET B 296 33.44 18.91 -13.34
N LEU B 297 33.96 18.40 -12.21
CA LEU B 297 33.18 18.44 -10.98
C LEU B 297 32.97 19.85 -10.43
N SER B 298 33.92 20.75 -10.63
CA SER B 298 33.80 22.13 -10.16
C SER B 298 32.62 22.80 -10.84
N GLU B 299 32.50 22.56 -12.14
CA GLU B 299 31.44 23.09 -12.97
C GLU B 299 30.09 22.50 -12.59
N LEU B 300 30.11 21.18 -12.44
CA LEU B 300 28.92 20.44 -11.99
CA LEU B 300 28.93 20.45 -12.00
C LEU B 300 28.42 20.96 -10.65
N GLN B 301 29.34 21.16 -9.69
CA GLN B 301 28.99 21.64 -8.38
C GLN B 301 28.41 23.08 -8.39
N GLU B 302 28.92 23.93 -9.30
CA GLU B 302 28.42 25.29 -9.43
C GLU B 302 26.96 25.20 -9.89
N ARG B 303 26.70 24.36 -10.89
CA ARG B 303 25.33 24.15 -11.39
C ARG B 303 24.44 23.55 -10.29
N TYR B 304 24.96 22.57 -9.58
CA TYR B 304 24.19 21.98 -8.47
C TYR B 304 23.76 23.03 -7.46
N ARG B 305 24.67 23.91 -7.08
CA ARG B 305 24.34 24.91 -6.06
C ARG B 305 23.25 25.85 -6.58
N THR B 306 23.35 26.23 -7.85
CA THR B 306 22.34 27.02 -8.53
C THR B 306 20.92 26.45 -8.40
N TYR B 307 20.77 25.15 -8.60
CA TYR B 307 19.45 24.50 -8.41
C TYR B 307 19.09 24.30 -6.95
N ARG B 308 20.05 23.83 -6.18
CA ARG B 308 19.81 23.39 -4.81
C ARG B 308 19.43 24.53 -3.87
N GLU B 309 19.93 25.73 -4.11
CA GLU B 309 19.57 26.91 -3.32
C GLU B 309 18.32 27.60 -3.87
N ASP B 310 17.76 27.08 -4.96
CA ASP B 310 16.58 27.74 -5.56
C ASP B 310 15.32 26.96 -5.19
N GLU B 311 14.86 27.21 -3.96
CA GLU B 311 13.74 26.48 -3.39
C GLU B 311 12.50 26.59 -4.29
N ALA B 312 12.24 27.77 -4.85
CA ALA B 312 11.04 27.94 -5.67
C ALA B 312 11.09 27.11 -6.94
N LEU B 313 12.27 27.06 -7.57
CA LEU B 313 12.48 26.20 -8.76
C LEU B 313 12.31 24.69 -8.45
N LEU B 314 12.93 24.22 -7.36
CA LEU B 314 12.75 22.83 -6.95
C LEU B 314 11.23 22.48 -6.77
N GLN B 315 10.53 23.34 -6.06
CA GLN B 315 9.06 23.20 -5.91
C GLN B 315 8.38 23.13 -7.27
N ASP B 316 8.71 24.06 -8.16
CA ASP B 316 8.12 24.07 -9.50
C ASP B 316 8.37 22.78 -10.23
N VAL B 317 9.62 22.30 -10.18
CA VAL B 317 9.96 21.04 -10.82
C VAL B 317 9.20 19.85 -10.20
N MET B 318 9.17 19.77 -8.88
CA MET B 318 8.42 18.68 -8.23
C MET B 318 6.95 18.72 -8.57
N ARG B 319 6.35 19.92 -8.55
CA ARG B 319 4.91 20.10 -8.82
C ARG B 319 4.58 19.64 -10.22
N GLU B 320 5.32 20.10 -11.18
CA GLU B 320 5.04 19.75 -12.58
C GLU B 320 5.33 18.29 -12.89
N GLY B 321 6.41 17.75 -12.31
CA GLY B 321 6.75 16.36 -12.47
C GLY B 321 5.68 15.43 -11.90
N ALA B 322 5.22 15.71 -10.69
CA ALA B 322 4.21 14.86 -10.04
C ALA B 322 2.89 14.93 -10.85
N ALA B 323 2.56 16.09 -11.41
CA ALA B 323 1.31 16.25 -12.13
C ALA B 323 1.41 15.48 -13.44
N LYS B 324 2.57 15.51 -14.11
CA LYS B 324 2.78 14.71 -15.32
C LYS B 324 2.72 13.21 -15.01
N ALA B 325 3.39 12.80 -13.92
CA ALA B 325 3.35 11.39 -13.52
C ALA B 325 1.96 10.91 -13.14
N ARG B 326 1.22 11.72 -12.39
CA ARG B 326 -0.09 11.30 -11.93
C ARG B 326 -1.04 11.14 -13.11
N ALA B 327 -0.95 12.04 -14.09
CA ALA B 327 -1.79 11.97 -15.28
C ALA B 327 -1.65 10.61 -15.98
N ARG B 328 -0.41 10.11 -16.03
CA ARG B 328 -0.17 8.80 -16.63
C ARG B 328 -0.54 7.65 -15.72
N ALA B 329 -0.13 7.74 -14.47
CA ALA B 329 -0.42 6.70 -13.50
C ALA B 329 -1.94 6.48 -13.37
N GLN B 330 -2.72 7.54 -13.41
CA GLN B 330 -4.16 7.38 -13.15
C GLN B 330 -4.87 6.59 -14.24
N VAL B 331 -4.38 6.65 -15.47
CA VAL B 331 -4.97 5.90 -16.56
C VAL B 331 -4.79 4.41 -16.29
N THR B 332 -3.56 4.00 -15.99
CA THR B 332 -3.31 2.60 -15.67
C THR B 332 -4.02 2.12 -14.38
N LEU B 333 -3.98 2.90 -13.31
CA LEU B 333 -4.64 2.50 -12.05
C LEU B 333 -6.15 2.32 -12.29
N ALA B 334 -6.74 3.23 -13.07
CA ALA B 334 -8.18 3.07 -13.37
C ALA B 334 -8.52 1.76 -14.10
N LYS B 335 -7.69 1.36 -15.08
CA LYS B 335 -7.89 0.09 -15.80
C LYS B 335 -7.69 -1.12 -14.88
N VAL B 336 -6.71 -1.06 -13.99
CA VAL B 336 -6.48 -2.14 -13.03
C VAL B 336 -7.70 -2.33 -12.08
N TYR B 337 -8.14 -1.23 -11.47
CA TYR B 337 -9.33 -1.23 -10.63
C TYR B 337 -10.60 -1.72 -11.35
N GLU B 338 -10.76 -1.30 -12.59
CA GLU B 338 -11.92 -1.70 -13.39
C GLU B 338 -11.88 -3.20 -13.60
N ALA B 339 -10.71 -3.72 -13.92
CA ALA B 339 -10.55 -5.14 -14.18
C ALA B 339 -10.79 -5.99 -12.92
N ILE B 340 -10.26 -5.52 -11.80
CA ILE B 340 -10.44 -6.19 -10.52
C ILE B 340 -11.94 -6.23 -10.14
N GLY B 341 -12.65 -5.17 -10.42
CA GLY B 341 -14.06 -5.13 -10.13
C GLY B 341 -14.51 -4.05 -9.17
N PHE B 342 -13.66 -3.09 -8.86
CA PHE B 342 -14.05 -2.01 -7.98
C PHE B 342 -15.02 -1.08 -8.71
N VAL B 343 -15.90 -0.51 -7.93
CA VAL B 343 -16.70 0.63 -8.39
C VAL B 343 -15.70 1.74 -8.76
N ALA B 344 -15.81 2.25 -9.98
CA ALA B 344 -14.95 3.34 -10.52
C ALA B 344 -15.04 4.59 -9.63
N GLN B 345 -13.97 5.38 -9.58
CA GLN B 345 -13.93 6.61 -8.82
C GLN B 345 -15.12 7.46 -9.23
N PRO B 346 -15.94 7.88 -8.27
CA PRO B 346 -17.18 8.58 -8.64
C PRO B 346 -16.94 10.05 -8.96
#